data_1IFK
# 
_entry.id   1IFK 
# 
_audit_conform.dict_name       mmcif_pdbx.dic 
_audit_conform.dict_version    5.386 
_audit_conform.dict_location   http://mmcif.pdb.org/dictionaries/ascii/mmcif_pdbx.dic 
# 
loop_
_database_2.database_id 
_database_2.database_code 
_database_2.pdbx_database_accession 
_database_2.pdbx_DOI 
PDB   1IFK         pdb_00001ifk 10.2210/pdb1ifk/pdb 
WWPDB D_1000174135 ?            ?                   
# 
loop_
_pdbx_audit_revision_history.ordinal 
_pdbx_audit_revision_history.data_content_type 
_pdbx_audit_revision_history.major_revision 
_pdbx_audit_revision_history.minor_revision 
_pdbx_audit_revision_history.revision_date 
1 'Structure model' 1 0 1994-07-31 
2 'Structure model' 1 1 2008-03-24 
3 'Structure model' 1 2 2011-07-13 
4 'Structure model' 1 3 2024-02-07 
# 
_pdbx_audit_revision_details.ordinal             1 
_pdbx_audit_revision_details.revision_ordinal    1 
_pdbx_audit_revision_details.data_content_type   'Structure model' 
_pdbx_audit_revision_details.provider            repository 
_pdbx_audit_revision_details.type                'Initial release' 
_pdbx_audit_revision_details.description         ? 
_pdbx_audit_revision_details.details             ? 
# 
loop_
_pdbx_audit_revision_group.ordinal 
_pdbx_audit_revision_group.revision_ordinal 
_pdbx_audit_revision_group.data_content_type 
_pdbx_audit_revision_group.group 
1 2 'Structure model' 'Version format compliance' 
2 3 'Structure model' 'Version format compliance' 
3 4 'Structure model' 'Data collection'           
4 4 'Structure model' 'Database references'       
5 4 'Structure model' 'Derived calculations'      
6 4 'Structure model' Other                       
# 
loop_
_pdbx_audit_revision_category.ordinal 
_pdbx_audit_revision_category.revision_ordinal 
_pdbx_audit_revision_category.data_content_type 
_pdbx_audit_revision_category.category 
1 4 'Structure model' chem_comp_atom        
2 4 'Structure model' chem_comp_bond        
3 4 'Structure model' database_2            
4 4 'Structure model' pdbx_database_status  
5 4 'Structure model' pdbx_struct_oper_list 
# 
loop_
_pdbx_audit_revision_item.ordinal 
_pdbx_audit_revision_item.revision_ordinal 
_pdbx_audit_revision_item.data_content_type 
_pdbx_audit_revision_item.item 
1 4 'Structure model' '_database_2.pdbx_DOI'                      
2 4 'Structure model' '_database_2.pdbx_database_accession'       
3 4 'Structure model' '_pdbx_database_status.process_site'        
4 4 'Structure model' '_pdbx_struct_oper_list.name'               
5 4 'Structure model' '_pdbx_struct_oper_list.symmetry_operation' 
6 4 'Structure model' '_pdbx_struct_oper_list.type'               
# 
_pdbx_database_status.status_code                     REL 
_pdbx_database_status.entry_id                        1IFK 
_pdbx_database_status.recvd_initial_deposition_date   1994-01-31 
_pdbx_database_status.deposit_site                    ? 
_pdbx_database_status.process_site                    BNL 
_pdbx_database_status.SG_entry                        . 
_pdbx_database_status.pdb_format_compatible           Y 
_pdbx_database_status.status_code_mr                  ? 
_pdbx_database_status.status_code_sf                  ? 
_pdbx_database_status.status_code_cs                  ? 
_pdbx_database_status.status_code_nmr_data            ? 
_pdbx_database_status.methods_development_category    ? 
# 
loop_
_pdbx_database_related.db_name 
_pdbx_database_related.db_id 
_pdbx_database_related.details 
_pdbx_database_related.content_type 
PDB 1IFD . unspecified 
PDB 1IFM . unspecified 
PDB 2IFM . unspecified 
PDB 3IFM . unspecified 
PDB 4IFM . unspecified 
PDB 1IFI . unspecified 
PDB 1IFJ . unspecified 
PDB 1IFL . unspecified 
PDB 1IFN . unspecified 
PDB 2IFO . unspecified 
# 
_audit_author.name           'Marvin, D.A.' 
_audit_author.pdbx_ordinal   1 
# 
loop_
_citation.id 
_citation.title 
_citation.journal_abbrev 
_citation.journal_volume 
_citation.page_first 
_citation.page_last 
_citation.year 
_citation.journal_id_ASTM 
_citation.country 
_citation.journal_id_ISSN 
_citation.journal_id_CSD 
_citation.book_publisher 
_citation.pdbx_database_id_PubMed 
_citation.pdbx_database_id_DOI 
primary 
'Molecular models and structural comparisons of native and mutant class I filamentous bacteriophages Ff (fd, f1, M13), If1 and IKe.' 
J.Mol.Biol.          235 260 286 1994 JMOBAK UK 0022-2836 0070 ? 8289247 '10.1016/S0022-2836(05)80032-4' 
1       'Model-Building Studies of Inovirus: Genetic Variations on a Geometric Theme' Int.J.Biol.Macromol. 12  125 ?   1990 IJBMDR 
UK 0141-8130 0708 ? ?       ?                               
2       'Dynamics of Telescoping Inovirus: A Mechanism for Assembly at Membrane Adhesions' Int.J.Biol.Macromol. 11  159 ?   1989 
IJBMDR UK 0141-8130 0708 ? ?       ?                               
3       'Filamentous Bacterial Viruses Xii. Molecular Architecture of the Class I (Fd, If1, Ike) Virion' J.Mol.Biol.          88  
581 ?   1974 JMOBAK UK 0022-2836 0070 ? ?       ?                               
# 
loop_
_citation_author.citation_id 
_citation_author.name 
_citation_author.ordinal 
_citation_author.identifier_ORCID 
primary 'Marvin, D.A.'         1  ? 
primary 'Hale, R.D.'           2  ? 
primary 'Nave, C.'             3  ? 
primary 'Helmer-Citterich, M.' 4  ? 
1       'Marvin, D.A.'         5  ? 
2       'Marvin, D.A.'         6  ? 
3       'Marvin, D.A.'         7  ? 
3       'Pigram, W.J.'         8  ? 
3       'Wiseman, R.L.'        9  ? 
3       'Wachtel, E.J.'        10 ? 
3       'Marvin, F.J.'         11 ? 
# 
_entity.id                         1 
_entity.type                       polymer 
_entity.src_method                 man 
_entity.pdbx_description           INOVIRUS 
_entity.formula_weight             5298.051 
_entity.pdbx_number_of_molecules   1 
_entity.pdbx_ec                    ? 
_entity.pdbx_mutation              ? 
_entity.pdbx_fragment              ? 
_entity.details                    ? 
# 
_entity_poly.entity_id                      1 
_entity_poly.type                           'polypeptide(L)' 
_entity_poly.nstd_linkage                   no 
_entity_poly.nstd_monomer                   no 
_entity_poly.pdbx_seq_one_letter_code       ADDATSQAKAAFDSLTAQATEMSGYAWALVVLVVGATVGIKLFKKFVSRAS 
_entity_poly.pdbx_seq_one_letter_code_can   ADDATSQAKAAFDSLTAQATEMSGYAWALVVLVVGATVGIKLFKKFVSRAS 
_entity_poly.pdbx_strand_id                 A 
_entity_poly.pdbx_target_identifier         ? 
# 
loop_
_entity_poly_seq.entity_id 
_entity_poly_seq.num 
_entity_poly_seq.mon_id 
_entity_poly_seq.hetero 
1 1  ALA n 
1 2  ASP n 
1 3  ASP n 
1 4  ALA n 
1 5  THR n 
1 6  SER n 
1 7  GLN n 
1 8  ALA n 
1 9  LYS n 
1 10 ALA n 
1 11 ALA n 
1 12 PHE n 
1 13 ASP n 
1 14 SER n 
1 15 LEU n 
1 16 THR n 
1 17 ALA n 
1 18 GLN n 
1 19 ALA n 
1 20 THR n 
1 21 GLU n 
1 22 MET n 
1 23 SER n 
1 24 GLY n 
1 25 TYR n 
1 26 ALA n 
1 27 TRP n 
1 28 ALA n 
1 29 LEU n 
1 30 VAL n 
1 31 VAL n 
1 32 LEU n 
1 33 VAL n 
1 34 VAL n 
1 35 GLY n 
1 36 ALA n 
1 37 THR n 
1 38 VAL n 
1 39 GLY n 
1 40 ILE n 
1 41 LYS n 
1 42 LEU n 
1 43 PHE n 
1 44 LYS n 
1 45 LYS n 
1 46 PHE n 
1 47 VAL n 
1 48 SER n 
1 49 ARG n 
1 50 ALA n 
1 51 SER n 
# 
_entity_src_gen.entity_id                          1 
_entity_src_gen.pdbx_src_id                        1 
_entity_src_gen.pdbx_alt_source_flag               sample 
_entity_src_gen.pdbx_seq_type                      ? 
_entity_src_gen.pdbx_beg_seq_num                   ? 
_entity_src_gen.pdbx_end_seq_num                   ? 
_entity_src_gen.gene_src_common_name               ? 
_entity_src_gen.gene_src_genus                     Inovirus 
_entity_src_gen.pdbx_gene_src_gene                 ? 
_entity_src_gen.gene_src_species                   ? 
_entity_src_gen.gene_src_strain                    'IF1 MAJOR' 
_entity_src_gen.gene_src_tissue                    ? 
_entity_src_gen.gene_src_tissue_fraction           ? 
_entity_src_gen.gene_src_details                   ? 
_entity_src_gen.pdbx_gene_src_fragment             ? 
_entity_src_gen.pdbx_gene_src_scientific_name      'Enterobacteria phage If1' 
_entity_src_gen.pdbx_gene_src_ncbi_taxonomy_id     10868 
_entity_src_gen.pdbx_gene_src_variant              ? 
_entity_src_gen.pdbx_gene_src_cell_line            ? 
_entity_src_gen.pdbx_gene_src_atcc                 ? 
_entity_src_gen.pdbx_gene_src_organ                ? 
_entity_src_gen.pdbx_gene_src_organelle            ? 
_entity_src_gen.pdbx_gene_src_cell                 ? 
_entity_src_gen.pdbx_gene_src_cellular_location    ? 
_entity_src_gen.host_org_common_name               ? 
_entity_src_gen.pdbx_host_org_scientific_name      ? 
_entity_src_gen.pdbx_host_org_ncbi_taxonomy_id     ? 
_entity_src_gen.host_org_genus                     ? 
_entity_src_gen.pdbx_host_org_gene                 ? 
_entity_src_gen.pdbx_host_org_organ                ? 
_entity_src_gen.host_org_species                   ? 
_entity_src_gen.pdbx_host_org_tissue               ? 
_entity_src_gen.pdbx_host_org_tissue_fraction      ? 
_entity_src_gen.pdbx_host_org_strain               ? 
_entity_src_gen.pdbx_host_org_variant              ? 
_entity_src_gen.pdbx_host_org_cell_line            ? 
_entity_src_gen.pdbx_host_org_atcc                 ? 
_entity_src_gen.pdbx_host_org_culture_collection   ? 
_entity_src_gen.pdbx_host_org_cell                 ? 
_entity_src_gen.pdbx_host_org_organelle            ? 
_entity_src_gen.pdbx_host_org_cellular_location    ? 
_entity_src_gen.pdbx_host_org_vector_type          BACTERIAL 
_entity_src_gen.pdbx_host_org_vector               ? 
_entity_src_gen.host_org_details                   ? 
_entity_src_gen.expression_system_id               ? 
_entity_src_gen.plasmid_name                       ? 
_entity_src_gen.plasmid_details                    ? 
_entity_src_gen.pdbx_description                   ? 
# 
loop_
_chem_comp.id 
_chem_comp.type 
_chem_comp.mon_nstd_flag 
_chem_comp.name 
_chem_comp.pdbx_synonyms 
_chem_comp.formula 
_chem_comp.formula_weight 
ALA 'L-peptide linking' y ALANINE         ? 'C3 H7 N O2'     89.093  
ARG 'L-peptide linking' y ARGININE        ? 'C6 H15 N4 O2 1' 175.209 
ASP 'L-peptide linking' y 'ASPARTIC ACID' ? 'C4 H7 N O4'     133.103 
GLN 'L-peptide linking' y GLUTAMINE       ? 'C5 H10 N2 O3'   146.144 
GLU 'L-peptide linking' y 'GLUTAMIC ACID' ? 'C5 H9 N O4'     147.129 
GLY 'peptide linking'   y GLYCINE         ? 'C2 H5 N O2'     75.067  
ILE 'L-peptide linking' y ISOLEUCINE      ? 'C6 H13 N O2'    131.173 
LEU 'L-peptide linking' y LEUCINE         ? 'C6 H13 N O2'    131.173 
LYS 'L-peptide linking' y LYSINE          ? 'C6 H15 N2 O2 1' 147.195 
MET 'L-peptide linking' y METHIONINE      ? 'C5 H11 N O2 S'  149.211 
PHE 'L-peptide linking' y PHENYLALANINE   ? 'C9 H11 N O2'    165.189 
SER 'L-peptide linking' y SERINE          ? 'C3 H7 N O3'     105.093 
THR 'L-peptide linking' y THREONINE       ? 'C4 H9 N O3'     119.119 
TRP 'L-peptide linking' y TRYPTOPHAN      ? 'C11 H12 N2 O2'  204.225 
TYR 'L-peptide linking' y TYROSINE        ? 'C9 H11 N O3'    181.189 
VAL 'L-peptide linking' y VALINE          ? 'C5 H11 N O2'    117.146 
# 
loop_
_pdbx_poly_seq_scheme.asym_id 
_pdbx_poly_seq_scheme.entity_id 
_pdbx_poly_seq_scheme.seq_id 
_pdbx_poly_seq_scheme.mon_id 
_pdbx_poly_seq_scheme.ndb_seq_num 
_pdbx_poly_seq_scheme.pdb_seq_num 
_pdbx_poly_seq_scheme.auth_seq_num 
_pdbx_poly_seq_scheme.pdb_mon_id 
_pdbx_poly_seq_scheme.auth_mon_id 
_pdbx_poly_seq_scheme.pdb_strand_id 
_pdbx_poly_seq_scheme.pdb_ins_code 
_pdbx_poly_seq_scheme.hetero 
A 1 1  ALA 1  1  1  ALA ALA A . n 
A 1 2  ASP 2  2  2  ASP ASP A . n 
A 1 3  ASP 3  3  3  ASP ASP A . n 
A 1 4  ALA 4  4  4  ALA ALA A . n 
A 1 5  THR 5  5  5  THR THR A . n 
A 1 6  SER 6  6  6  SER SER A . n 
A 1 7  GLN 7  7  7  GLN GLN A . n 
A 1 8  ALA 8  8  8  ALA ALA A . n 
A 1 9  LYS 9  9  9  LYS LYS A . n 
A 1 10 ALA 10 10 10 ALA ALA A . n 
A 1 11 ALA 11 11 11 ALA ALA A . n 
A 1 12 PHE 12 12 12 PHE PHE A . n 
A 1 13 ASP 13 13 13 ASP ASP A . n 
A 1 14 SER 14 14 14 SER SER A . n 
A 1 15 LEU 15 15 15 LEU LEU A . n 
A 1 16 THR 16 16 16 THR THR A . n 
A 1 17 ALA 17 17 17 ALA ALA A . n 
A 1 18 GLN 18 18 18 GLN GLN A . n 
A 1 19 ALA 19 19 19 ALA ALA A . n 
A 1 20 THR 20 20 20 THR THR A . n 
A 1 21 GLU 21 21 21 GLU GLU A . n 
A 1 22 MET 22 22 22 MET MET A . n 
A 1 23 SER 23 23 23 SER SER A . n 
A 1 24 GLY 24 24 24 GLY GLY A . n 
A 1 25 TYR 25 25 25 TYR TYR A . n 
A 1 26 ALA 26 26 26 ALA ALA A . n 
A 1 27 TRP 27 27 27 TRP TRP A . n 
A 1 28 ALA 28 28 28 ALA ALA A . n 
A 1 29 LEU 29 29 29 LEU LEU A . n 
A 1 30 VAL 30 30 30 VAL VAL A . n 
A 1 31 VAL 31 31 31 VAL VAL A . n 
A 1 32 LEU 32 32 32 LEU LEU A . n 
A 1 33 VAL 33 33 33 VAL VAL A . n 
A 1 34 VAL 34 34 34 VAL VAL A . n 
A 1 35 GLY 35 35 35 GLY GLY A . n 
A 1 36 ALA 36 36 36 ALA ALA A . n 
A 1 37 THR 37 37 37 THR THR A . n 
A 1 38 VAL 38 38 38 VAL VAL A . n 
A 1 39 GLY 39 39 39 GLY GLY A . n 
A 1 40 ILE 40 40 40 ILE ILE A . n 
A 1 41 LYS 41 41 41 LYS LYS A . n 
A 1 42 LEU 42 42 42 LEU LEU A . n 
A 1 43 PHE 43 43 43 PHE PHE A . n 
A 1 44 LYS 44 44 44 LYS LYS A . n 
A 1 45 LYS 45 45 45 LYS LYS A . n 
A 1 46 PHE 46 46 46 PHE PHE A . n 
A 1 47 VAL 47 47 47 VAL VAL A . n 
A 1 48 SER 48 48 48 SER SER A . n 
A 1 49 ARG 49 49 49 ARG ARG A . n 
A 1 50 ALA 50 50 50 ALA ALA A . n 
A 1 51 SER 51 51 51 SER SER A . n 
# 
_software.name             EREF 
_software.classification   refinement 
_software.version          . 
_software.citation_id      ? 
_software.pdbx_ordinal     1 
# 
_cell.entry_id           1IFK 
_cell.length_a           1.000 
_cell.length_b           1.000 
_cell.length_c           1.000 
_cell.angle_alpha        90.00 
_cell.angle_beta         90.00 
_cell.angle_gamma        90.00 
_cell.Z_PDB              1 
_cell.pdbx_unique_axis   ? 
# 
_symmetry.entry_id                         1IFK 
_symmetry.space_group_name_H-M             'P 1' 
_symmetry.pdbx_full_space_group_name_H-M   ? 
_symmetry.cell_setting                     ? 
_symmetry.Int_Tables_number                1 
# 
_exptl.entry_id          1IFK 
_exptl.method            'FIBER DIFFRACTION' 
_exptl.crystals_number   ? 
# 
_exptl_crystal.id                    1 
_exptl_crystal.density_meas          ? 
_exptl_crystal.density_Matthews      ? 
_exptl_crystal.density_percent_sol   ? 
_exptl_crystal.description           ? 
# 
_diffrn.id                     1 
_diffrn.ambient_temp           ? 
_diffrn.ambient_temp_details   ? 
_diffrn.crystal_id             1 
# 
_diffrn_radiation.diffrn_id                        1 
_diffrn_radiation.wavelength_id                    1 
_diffrn_radiation.pdbx_monochromatic_or_laue_m_l   ? 
_diffrn_radiation.monochromator                    ? 
_diffrn_radiation.pdbx_diffrn_protocol             ? 
_diffrn_radiation.pdbx_scattering_type             ? 
# 
_diffrn_radiation_wavelength.id           1 
_diffrn_radiation_wavelength.wavelength   . 
_diffrn_radiation_wavelength.wt           1.0 
# 
_refine.entry_id                                 1IFK 
_refine.ls_number_reflns_obs                     ? 
_refine.ls_number_reflns_all                     ? 
_refine.pdbx_ls_sigma_I                          ? 
_refine.pdbx_ls_sigma_F                          ? 
_refine.pdbx_data_cutoff_high_absF               ? 
_refine.pdbx_data_cutoff_low_absF                ? 
_refine.pdbx_data_cutoff_high_rms_absF           ? 
_refine.ls_d_res_low                             ? 
_refine.ls_d_res_high                            5.0 
_refine.ls_percent_reflns_obs                    ? 
_refine.ls_R_factor_obs                          ? 
_refine.ls_R_factor_all                          ? 
_refine.ls_R_factor_R_work                       ? 
_refine.ls_R_factor_R_free                       ? 
_refine.ls_R_factor_R_free_error                 ? 
_refine.ls_R_factor_R_free_error_details         ? 
_refine.ls_percent_reflns_R_free                 ? 
_refine.ls_number_reflns_R_free                  ? 
_refine.ls_number_parameters                     ? 
_refine.ls_number_restraints                     ? 
_refine.occupancy_min                            ? 
_refine.occupancy_max                            ? 
_refine.B_iso_mean                               ? 
_refine.aniso_B[1][1]                            ? 
_refine.aniso_B[2][2]                            ? 
_refine.aniso_B[3][3]                            ? 
_refine.aniso_B[1][2]                            ? 
_refine.aniso_B[1][3]                            ? 
_refine.aniso_B[2][3]                            ? 
_refine.solvent_model_details                    ? 
_refine.solvent_model_param_ksol                 ? 
_refine.solvent_model_param_bsol                 ? 
_refine.pdbx_ls_cross_valid_method               ? 
_refine.details                                  
;THE TEMPERATURE FACTOR WAS NOT REFINED AND IS GIVEN THE
ARBITRARY VALUE OF 10.
;
_refine.pdbx_starting_model                      ? 
_refine.pdbx_method_to_determine_struct          ? 
_refine.pdbx_isotropic_thermal_model             ? 
_refine.pdbx_stereochemistry_target_values       ? 
_refine.pdbx_stereochem_target_val_spec_case     ? 
_refine.pdbx_R_Free_selection_details            ? 
_refine.pdbx_overall_ESU_R                       ? 
_refine.pdbx_overall_ESU_R_Free                  ? 
_refine.overall_SU_ML                            ? 
_refine.overall_SU_B                             ? 
_refine.pdbx_refine_id                           'FIBER DIFFRACTION' 
_refine.pdbx_diffrn_id                           1 
_refine.pdbx_TLS_residual_ADP_flag               ? 
_refine.correlation_coeff_Fo_to_Fc               ? 
_refine.correlation_coeff_Fo_to_Fc_free          ? 
_refine.pdbx_solvent_vdw_probe_radii             ? 
_refine.pdbx_solvent_ion_probe_radii             ? 
_refine.pdbx_solvent_shrinkage_radii             ? 
_refine.pdbx_overall_phase_error                 ? 
_refine.overall_SU_R_Cruickshank_DPI             ? 
_refine.pdbx_overall_SU_R_free_Cruickshank_DPI   ? 
_refine.pdbx_overall_SU_R_Blow_DPI               ? 
_refine.pdbx_overall_SU_R_free_Blow_DPI          ? 
# 
_refine_hist.pdbx_refine_id                   'FIBER DIFFRACTION' 
_refine_hist.cycle_id                         LAST 
_refine_hist.pdbx_number_atoms_protein        373 
_refine_hist.pdbx_number_atoms_nucleic_acid   0 
_refine_hist.pdbx_number_atoms_ligand         0 
_refine_hist.number_atoms_solvent             0 
_refine_hist.number_atoms_total               373 
_refine_hist.d_res_high                       5.0 
_refine_hist.d_res_low                        . 
# 
_struct.entry_id                  1IFK 
_struct.title                     
'MOLECULAR MODELS AND STRUCTURAL COMPARISONS OF NATIVE AND MUTANT CLASS I FILAMENTOUS BACTERIOPHAGES FF (FD, F1, M13), IF1 AND IKE' 
_struct.pdbx_model_details        ? 
_struct.pdbx_CASP_flag            ? 
_struct.pdbx_model_type_details   ? 
# 
_struct_keywords.entry_id        1IFK 
_struct_keywords.pdbx_keywords   VIRUS 
_struct_keywords.text            'VIRUS, Helical virus' 
# 
_struct_asym.id                            A 
_struct_asym.pdbx_blank_PDB_chainid_flag   Y 
_struct_asym.pdbx_modified                 N 
_struct_asym.entity_id                     1 
_struct_asym.details                       ? 
# 
_struct_ref.id                         1 
_struct_ref.db_name                    UNP 
_struct_ref.db_code                    COATB_BPIF1 
_struct_ref.entity_id                  1 
_struct_ref.pdbx_db_accession          P03619 
_struct_ref.pdbx_align_begin           1 
_struct_ref.pdbx_seq_one_letter_code   MKKSVVAKIIAGSTLVIGSSAFAADDATSQAKAAFDSLTAQATEMSGYAWALVVLVVGATVGIKLFKKFVSRAS 
_struct_ref.pdbx_db_isoform            ? 
# 
_struct_ref_seq.align_id                      1 
_struct_ref_seq.ref_id                        1 
_struct_ref_seq.pdbx_PDB_id_code              1IFK 
_struct_ref_seq.pdbx_strand_id                A 
_struct_ref_seq.seq_align_beg                 1 
_struct_ref_seq.pdbx_seq_align_beg_ins_code   ? 
_struct_ref_seq.seq_align_end                 51 
_struct_ref_seq.pdbx_seq_align_end_ins_code   ? 
_struct_ref_seq.pdbx_db_accession             P03619 
_struct_ref_seq.db_align_beg                  24 
_struct_ref_seq.pdbx_db_align_beg_ins_code    ? 
_struct_ref_seq.db_align_end                  74 
_struct_ref_seq.pdbx_db_align_end_ins_code    ? 
_struct_ref_seq.pdbx_auth_seq_align_beg       1 
_struct_ref_seq.pdbx_auth_seq_align_end       51 
# 
loop_
_pdbx_struct_assembly.id 
_pdbx_struct_assembly.details 
_pdbx_struct_assembly.method_details 
_pdbx_struct_assembly.oligomeric_details 
_pdbx_struct_assembly.oligomeric_count 
1 'representative helical assembly'            ? helical   55 
2 'helical asymmetric unit'                    ? monomeric 1  
3 'helical asymmetric unit, std helical frame' ? monomeric 1  
# 
loop_
_pdbx_struct_assembly_gen.assembly_id 
_pdbx_struct_assembly_gen.oper_expression 
_pdbx_struct_assembly_gen.asym_id_list 
1 '(1-55)' A 
2 1        A 
3 H        A 
# 
loop_
_pdbx_struct_oper_list.id 
_pdbx_struct_oper_list.type 
_pdbx_struct_oper_list.name 
_pdbx_struct_oper_list.symmetry_operation 
_pdbx_struct_oper_list.matrix[1][1] 
_pdbx_struct_oper_list.matrix[1][2] 
_pdbx_struct_oper_list.matrix[1][3] 
_pdbx_struct_oper_list.vector[1] 
_pdbx_struct_oper_list.matrix[2][1] 
_pdbx_struct_oper_list.matrix[2][2] 
_pdbx_struct_oper_list.matrix[2][3] 
_pdbx_struct_oper_list.vector[2] 
_pdbx_struct_oper_list.matrix[3][1] 
_pdbx_struct_oper_list.matrix[3][2] 
_pdbx_struct_oper_list.matrix[3][3] 
_pdbx_struct_oper_list.vector[3] 
H  'identity operation'         1_555 x,y,z 1.00000000  0.00000000 0.00000000  0.00000   0.00000000 1.00000000 0.00000000  0.00000   0.00000000  0.00000000  1.00000000  0.00000   
1  'helical symmetry operation' ?     ?     -0.32265430 0.92127881 -0.21711644 25.18898  0.93020188 0.35104391 0.10720369  79.31589  0.17498189  -0.16737239 -0.97024111 -31.94127 
2  'helical symmetry operation' ?     ?     -0.02521130 0.73338827 0.67934235  43.91507  0.70172515 0.49698336 -0.51047953 66.10914  -0.71200154 0.46384176  -0.52716660 -36.04410 
3  'helical symmetry operation' ?     ?     0.76162530  0.18108706 0.62220124  53.13155  0.15259511 0.88304222 -0.44379182 60.12209  -0.62979492 0.43294794  0.64491429  -15.52265 
4  'helical symmetry operation' ?     ?     0.95047407  0.02763669 -0.30957271 40.10155  0.04169081 0.97570026 0.21510667  69.62865  0.30799501  -0.21735965 0.92622560  1.26313   
5  'helical symmetry operation' ?     ?     0.28035242  0.48510035 -0.82829957 22.83210  0.52227823 0.64690722 0.55564062  81.49107  0.80537443  -0.58837802 -0.07199534 -8.88413  
6  'helical symmetry operation' ?     ?     -0.12807437 0.77590315 -0.61771455 11.87564  0.80320028 0.44651393 0.39432808  69.33837  0.58177854  -0.44564517 -0.68039261 -21.57546 
7  'helical symmetry operation' ?     ?     -0.27968570 0.90351924 0.32469817  25.56334  0.88781307 0.37212631 -0.27075813 59.38942  -0.36546391 0.21254410  -0.90623460 -37.56243 
8  'helical symmetry operation' ?     ?     0.40977155  0.43160945 0.80361718  42.42168  0.39460537 0.71040630 -0.58276023 47.83766  -0.82241953 0.55591022  0.12078889  -26.41474 
9  'helical symmetry operation' ?     ?     0.98749089  0.01233707 0.15719270  39.15302  0.00517346 0.99386245 -0.11050193 50.64723  -0.15759119 0.10993288  0.98136629  -3.53811  
10 'helical symmetry operation' ?     ?     0.65508383  0.22512228 -0.72123861 20.27453  0.25769900 0.83076799 0.49337185  63.93540  0.71025094  -0.50906239 0.48620889  -0.54727  
11 'helical symmetry operation' ?     ?     0.21596237  0.53038469 -0.81978798 3.78914   0.56712849 0.61531445 0.54749739  55.72779  0.79481163  -0.58316396 -0.16791150 -10.01663 
12 'helical symmetry operation' ?     ?     -0.33511954 0.93177121 -0.13963273 7.96195   0.93715862 0.34492788 0.05252133  52.29040  0.09710109  -0.11325709 -0.98880949 -32.65929 
13 'helical symmetry operation' ?     ?     0.03147480  0.69458858 0.71871833  26.94872  0.66117438 0.52479622 -0.53613186 38.95187  -0.74957173 0.49207279  -0.44272632 -34.53115 
14 'helical symmetry operation' ?     ?     0.80912449  0.14661514 0.56905322  34.51038  0.12057662 0.90634754 -0.40496347 34.14559  -0.57513377 0.39628038  0.71566963  -13.04536 
15 'helical symmetry operation' ?     ?     0.92314407  0.04513156 -0.38179597 20.19697  0.06245307 0.96229089 0.26475624  44.51369  0.37934764  -0.26825248 0.88551452  2.10544   
16 'helical symmetry operation' ?     ?     0.59694045  0.26501904 -0.75724964 0.57308   0.29919263 0.80224012 0.51661839  38.64991  0.74440975  -0.53495392 0.39959783  -0.94752  
17 'helical symmetry operation' ?     ?     -0.17338347 0.80890452 -0.56179324 -6.13369  0.83362358 0.42428316 0.35363191  42.84826  0.52441387  -0.40701016 -0.74788557 -22.84069 
18 'helical symmetry operation' ?     ?     -0.24954488 0.88401845 0.39527045  8.77198   0.86512207 0.38691481 -0.31915628 32.08525  -0.43507603 0.26231338  -0.86133649 -37.11992 
19 'helical symmetry operation' ?     ?     0.47370870  0.38655592 0.79131194  24.69097  0.35015826 0.74177686 -0.57197577 21.23500  -0.80807751 0.54803431  0.21603040  -24.05180 
20 'helical symmetry operation' ?     ?     0.99686540  0.00399325 0.07901536  19.62377  0.00039464 0.99846202 -0.05543862 25.29218  -0.07911521 0.05529603  0.99533066  -1.69602  
21 'helical symmetry operation' ?     ?     0.89026287  0.06659269 -0.45055238 0.27824   0.08701977 0.94615783 0.31178988  19.40444  0.44705659  -0.31678191 0.83653430  2.76340   
22 'helical symmetry operation' ?     ?     0.15262754  0.57510211 -0.80371786 -15.11470 0.61106857 0.58423942 0.53409690  29.86548  0.77672391  -0.57264462 -0.26225580 -11.22024 
23 'helical symmetry operation' ?     ?     -0.34138142 0.93794696 -0.06094445 -9.16495  0.93974837 0.34185551 -0.00279427 25.19798  0.01821332  -0.05822636 -0.99813725 -33.23689 
24 'helical symmetry operation' ?     ?     0.09093959  0.65368799 0.75128024  9.90514   0.61883486 0.55397242 -0.55691828 11.85228  -0.78023933 0.51556432  -0.35414689 -32.86029 
25 'helical symmetry operation' ?     ?     0.85213762  0.11516143 0.51048931  15.74135  0.09181960 0.92745180 -0.36249459 8.27167   -0.51519962 0.35576820  0.77974249  -10.61089 
26 'identity operation'         1_555 x,y,z 1.00000000  0.00000000 0.00000000  0.00000   0.00000000 1.00000000 0.00000000  0.00000   0.00000000  0.00000000  1.00000000  0.00000   
27 'helical symmetry operation' ?     ?     0.53629321  0.30682789 -0.78628636 -19.04492 0.34227911 0.77248375 0.53489613  13.30250  0.77151449  -0.55599056 0.30925702  -1.50082  
28 'helical symmetry operation' ?     ?     -0.21400012 0.83873706 -0.50072356 -23.99693 0.86064712 0.40435473 0.30948955  16.25700  0.46205030  -0.36471549 -0.80838860 -24.05446 
29 'helical symmetry operation' ?     ?     -0.21400012 0.86064712 0.46205030  -8.01252  0.83873706 0.40435473 -0.36471549 4.78049   -0.50072356 0.30948955  -0.80838860 -36.49255 
30 'helical symmetry operation' ?     ?     0.53629321  0.34227911 0.77151449  6.81840   0.30682789 0.77248375 -0.55599056 -5.26689  -0.78628636 0.53489613  0.30925702  -21.62608 
31 'helical symmetry operation' ?     ?     0.89026287  0.08701977 0.44705659  -3.17167  0.06659269 0.94615783 -0.31678191 -17.50280 -0.45055238 0.31178988  0.83653430  -8.23642  
32 'helical symmetry operation' ?     ?     0.85213762  0.09181960 -0.51519962 -19.64002 0.11516143 0.92745180 0.35576820  -5.70935  0.51048931  -0.36249459 0.77974249  3.23641   
33 'helical symmetry operation' ?     ?     0.09093959  0.61883486 -0.78023933 -33.87427 0.65368799 0.55397242 0.51556432  3.90089   0.75128024  -0.55691828 -0.35414689 -12.47816 
34 'helical symmetry operation' ?     ?     -0.34138142 0.93974837 0.01821332  -26.20315 0.93794696 0.34185551 -0.05822636 -1.95310  -0.06094445 -0.00279427 -0.99813725 -33.66312 
35 'helical symmetry operation' ?     ?     0.15262754  0.61106857 0.77672391  -7.22791  0.57510211 0.58423942 -0.57264462 -15.18130 -0.80371786 0.53409690  -0.26225580 -31.04159 
36 'helical symmetry operation' ?     ?     0.59694045  0.29919263 0.74440975  -11.20052 0.26501904 0.80224012 -0.53495392 -31.66526 -0.75724964 0.51661839  0.39959783  -19.15466 
37 'helical symmetry operation' ?     ?     0.99686540  0.00039464 -0.07911521 -19.70642 0.00399325 0.99846202 0.05529603  -25.23786 0.07901536  -0.05543862 0.99533066  1.53969   
38 'helical symmetry operation' ?     ?     0.47370870  0.35015826 -0.80807751 -38.56766 0.38655592 0.74177686 0.54803431  -12.11486 0.79131194  -0.57197577 0.21603040  -2.19644  
39 'helical symmetry operation' ?     ?     -0.24954488 0.86512207 -0.43507603 -41.71864 0.88401845 0.38691481 0.26231338  -10.43180 0.39527045  -0.31915628 -0.86133649 -25.19984 
40 'helical symmetry operation' ?     ?     -0.17338347 0.83362358 0.52441387  -24.80482 0.80890452 0.42428316 -0.40701016 -22.51462 -0.56179324 0.35363191  -0.74788557 -35.68060 
41 'helical symmetry operation' ?     ?     0.21596237  0.56712849 0.79481163  -24.46180 0.53038469 0.61531445 -0.58316396 -42.14115 -0.81978798 0.54749739  -0.16791150 -29.08644 
42 'helical symmetry operation' ?     ?     0.92314407  0.06245307 0.37934764  -22.22343 0.04513156 0.96229089 -0.26825248 -43.18184 -0.38179597 0.26475624  0.88551452  -5.93855  
43 'helical symmetry operation' ?     ?     0.80912449  0.12057662 -0.57513377 -39.54318 0.14661514 0.90634754 0.39628038  -30.83790 0.56905322  -0.40496347 0.71566963  3.52564   
44 'helical symmetry operation' ?     ?     0.03147480  0.66117438 -0.74957173 -52.48575 0.69458858 0.52479622 0.49207279  -22.16823 0.71871833  -0.53613186 -0.44272632 -13.77305 
45 'helical symmetry operation' ?     ?     -0.33511954 0.93715862 0.09710109  -43.16494 0.93177121 0.34492788 -0.11325709 -29.15403 -0.13963273 0.05252133  -0.98880949 -33.92842 
46 'helical symmetry operation' ?     ?     -0.12807437 0.80320028 0.58177854  -41.61950 0.77590315 0.44651393 -0.44564517 -49.78990 -0.61771455 0.39432808  -0.68039261 -34.68609 
47 'helical symmetry operation' ?     ?     0.65508383  0.25769900 0.71025094  -29.36890 0.22512228 0.83076799 -0.50906239 -57.95833 -0.72123861 0.49337185  0.48620889  -16.65507 
48 'helical symmetry operation' ?     ?     0.98749089  0.00517346 -0.15759119 -39.48284 0.01233707 0.99386245 0.10993288  -50.43046 0.15719270  -0.11050193 0.98136629  2.91423   
49 'helical symmetry operation' ?     ?     0.40977155  0.39460537 -0.82241953 -57.98419 0.43160945 0.71040630 0.55591022  -37.60955 0.80361718  -0.58276023 0.12078889  -3.02230  
50 'helical symmetry operation' ?     ?     -0.27968570 0.88781307 -0.36546391 -59.30472 0.90351924 0.37212631 0.21254410  -37.21366 0.32469817  -0.27075813 -0.90623460 -26.26057 
51 'helical symmetry operation' ?     ?     -0.32265430 0.93020188 0.17498189  -60.06331 0.92127881 0.35104391 -0.16737239 -56.39552 -0.21711644 0.10720369  -0.97024111 -34.02475 
52 'helical symmetry operation' ?     ?     0.28035242  0.52227823 0.80537443  -41.80699 0.48510035 0.64690722 -0.58837802 -69.02025 -0.82829957 0.55564062  -0.07199534 -27.00755 
53 'helical symmetry operation' ?     ?     0.95047407  0.04169081 0.30799501  -41.40740 0.02763669 0.97570026 -0.21735965 -68.77041 -0.30957271 0.21510667  0.92622560  -3.73319  
54 'helical symmetry operation' ?     ?     0.76162530  0.15259511 -0.62979492 -59.41675 0.18108706 0.88304222 0.43294794  -55.99128 0.62220124  -0.44379182 0.64491429  3.63396   
55 'helical symmetry operation' ?     ?     -0.02521130 0.70172515 -0.71200154 -70.94674 0.73338827 0.49698336 0.46384176  -48.34318 0.67934235  -0.51047953 -0.52716660 -15.08725  
# 
_struct_biol.id   1 
# 
_struct_conf.conf_type_id            HELX_P 
_struct_conf.id                      HELX_P1 
_struct_conf.pdbx_PDB_helix_id       A 
_struct_conf.beg_label_comp_id       ALA 
_struct_conf.beg_label_asym_id       A 
_struct_conf.beg_label_seq_id        1 
_struct_conf.pdbx_beg_PDB_ins_code   ? 
_struct_conf.end_label_comp_id       SER 
_struct_conf.end_label_asym_id       A 
_struct_conf.end_label_seq_id        51 
_struct_conf.pdbx_end_PDB_ins_code   ? 
_struct_conf.beg_auth_comp_id        ALA 
_struct_conf.beg_auth_asym_id        A 
_struct_conf.beg_auth_seq_id         1 
_struct_conf.end_auth_comp_id        SER 
_struct_conf.end_auth_asym_id        A 
_struct_conf.end_auth_seq_id         51 
_struct_conf.pdbx_PDB_helix_class    1 
_struct_conf.details                 ? 
_struct_conf.pdbx_PDB_helix_length   51 
# 
_struct_conf_type.id          HELX_P 
_struct_conf_type.criteria    ? 
_struct_conf_type.reference   ? 
# 
_pdbx_validate_rmsd_bond.id                        1 
_pdbx_validate_rmsd_bond.PDB_model_num             1 
_pdbx_validate_rmsd_bond.auth_atom_id_1            CD 
_pdbx_validate_rmsd_bond.auth_asym_id_1            A 
_pdbx_validate_rmsd_bond.auth_comp_id_1            GLU 
_pdbx_validate_rmsd_bond.auth_seq_id_1             21 
_pdbx_validate_rmsd_bond.PDB_ins_code_1            ? 
_pdbx_validate_rmsd_bond.label_alt_id_1            ? 
_pdbx_validate_rmsd_bond.auth_atom_id_2            OE2 
_pdbx_validate_rmsd_bond.auth_asym_id_2            A 
_pdbx_validate_rmsd_bond.auth_comp_id_2            GLU 
_pdbx_validate_rmsd_bond.auth_seq_id_2             21 
_pdbx_validate_rmsd_bond.PDB_ins_code_2            ? 
_pdbx_validate_rmsd_bond.label_alt_id_2            ? 
_pdbx_validate_rmsd_bond.bond_value                1.370 
_pdbx_validate_rmsd_bond.bond_target_value         1.252 
_pdbx_validate_rmsd_bond.bond_deviation            0.118 
_pdbx_validate_rmsd_bond.bond_standard_deviation   0.011 
_pdbx_validate_rmsd_bond.linker_flag               N 
# 
loop_
_pdbx_validate_rmsd_angle.id 
_pdbx_validate_rmsd_angle.PDB_model_num 
_pdbx_validate_rmsd_angle.auth_atom_id_1 
_pdbx_validate_rmsd_angle.auth_asym_id_1 
_pdbx_validate_rmsd_angle.auth_comp_id_1 
_pdbx_validate_rmsd_angle.auth_seq_id_1 
_pdbx_validate_rmsd_angle.PDB_ins_code_1 
_pdbx_validate_rmsd_angle.label_alt_id_1 
_pdbx_validate_rmsd_angle.auth_atom_id_2 
_pdbx_validate_rmsd_angle.auth_asym_id_2 
_pdbx_validate_rmsd_angle.auth_comp_id_2 
_pdbx_validate_rmsd_angle.auth_seq_id_2 
_pdbx_validate_rmsd_angle.PDB_ins_code_2 
_pdbx_validate_rmsd_angle.label_alt_id_2 
_pdbx_validate_rmsd_angle.auth_atom_id_3 
_pdbx_validate_rmsd_angle.auth_asym_id_3 
_pdbx_validate_rmsd_angle.auth_comp_id_3 
_pdbx_validate_rmsd_angle.auth_seq_id_3 
_pdbx_validate_rmsd_angle.PDB_ins_code_3 
_pdbx_validate_rmsd_angle.label_alt_id_3 
_pdbx_validate_rmsd_angle.angle_value 
_pdbx_validate_rmsd_angle.angle_target_value 
_pdbx_validate_rmsd_angle.angle_deviation 
_pdbx_validate_rmsd_angle.angle_standard_deviation 
_pdbx_validate_rmsd_angle.linker_flag 
1 1 CB A ASP 2  ? ? CG A ASP 2  ? ? OD1 A ASP 2  ? ? 112.28 118.30 -6.02 0.90 N 
2 1 CB A ASP 3  ? ? CG A ASP 3  ? ? OD1 A ASP 3  ? ? 112.46 118.30 -5.84 0.90 N 
3 1 CB A ASP 13 ? ? CG A ASP 13 ? ? OD1 A ASP 13 ? ? 112.23 118.30 -6.07 0.90 N 
4 1 NE A ARG 49 ? ? CZ A ARG 49 ? ? NH1 A ARG 49 ? ? 124.24 120.30 3.94  0.50 N 
# 
_pdbx_helical_symmetry.entry_id                  1IFK 
_pdbx_helical_symmetry.number_of_operations      55 
_pdbx_helical_symmetry.rotation_per_n_subunits   -33.230000 
_pdbx_helical_symmetry.rise_per_n_subunits       16.000000 
_pdbx_helical_symmetry.n_subunits_divisor        1 
_pdbx_helical_symmetry.dyad_axis                 no 
_pdbx_helical_symmetry.circular_symmetry         5 
# 
loop_
_chem_comp_atom.comp_id 
_chem_comp_atom.atom_id 
_chem_comp_atom.type_symbol 
_chem_comp_atom.pdbx_aromatic_flag 
_chem_comp_atom.pdbx_stereo_config 
_chem_comp_atom.pdbx_ordinal 
ALA N    N N N 1   
ALA CA   C N S 2   
ALA C    C N N 3   
ALA O    O N N 4   
ALA CB   C N N 5   
ALA OXT  O N N 6   
ALA H    H N N 7   
ALA H2   H N N 8   
ALA HA   H N N 9   
ALA HB1  H N N 10  
ALA HB2  H N N 11  
ALA HB3  H N N 12  
ALA HXT  H N N 13  
ARG N    N N N 14  
ARG CA   C N S 15  
ARG C    C N N 16  
ARG O    O N N 17  
ARG CB   C N N 18  
ARG CG   C N N 19  
ARG CD   C N N 20  
ARG NE   N N N 21  
ARG CZ   C N N 22  
ARG NH1  N N N 23  
ARG NH2  N N N 24  
ARG OXT  O N N 25  
ARG H    H N N 26  
ARG H2   H N N 27  
ARG HA   H N N 28  
ARG HB2  H N N 29  
ARG HB3  H N N 30  
ARG HG2  H N N 31  
ARG HG3  H N N 32  
ARG HD2  H N N 33  
ARG HD3  H N N 34  
ARG HE   H N N 35  
ARG HH11 H N N 36  
ARG HH12 H N N 37  
ARG HH21 H N N 38  
ARG HH22 H N N 39  
ARG HXT  H N N 40  
ASP N    N N N 41  
ASP CA   C N S 42  
ASP C    C N N 43  
ASP O    O N N 44  
ASP CB   C N N 45  
ASP CG   C N N 46  
ASP OD1  O N N 47  
ASP OD2  O N N 48  
ASP OXT  O N N 49  
ASP H    H N N 50  
ASP H2   H N N 51  
ASP HA   H N N 52  
ASP HB2  H N N 53  
ASP HB3  H N N 54  
ASP HD2  H N N 55  
ASP HXT  H N N 56  
GLN N    N N N 57  
GLN CA   C N S 58  
GLN C    C N N 59  
GLN O    O N N 60  
GLN CB   C N N 61  
GLN CG   C N N 62  
GLN CD   C N N 63  
GLN OE1  O N N 64  
GLN NE2  N N N 65  
GLN OXT  O N N 66  
GLN H    H N N 67  
GLN H2   H N N 68  
GLN HA   H N N 69  
GLN HB2  H N N 70  
GLN HB3  H N N 71  
GLN HG2  H N N 72  
GLN HG3  H N N 73  
GLN HE21 H N N 74  
GLN HE22 H N N 75  
GLN HXT  H N N 76  
GLU N    N N N 77  
GLU CA   C N S 78  
GLU C    C N N 79  
GLU O    O N N 80  
GLU CB   C N N 81  
GLU CG   C N N 82  
GLU CD   C N N 83  
GLU OE1  O N N 84  
GLU OE2  O N N 85  
GLU OXT  O N N 86  
GLU H    H N N 87  
GLU H2   H N N 88  
GLU HA   H N N 89  
GLU HB2  H N N 90  
GLU HB3  H N N 91  
GLU HG2  H N N 92  
GLU HG3  H N N 93  
GLU HE2  H N N 94  
GLU HXT  H N N 95  
GLY N    N N N 96  
GLY CA   C N N 97  
GLY C    C N N 98  
GLY O    O N N 99  
GLY OXT  O N N 100 
GLY H    H N N 101 
GLY H2   H N N 102 
GLY HA2  H N N 103 
GLY HA3  H N N 104 
GLY HXT  H N N 105 
ILE N    N N N 106 
ILE CA   C N S 107 
ILE C    C N N 108 
ILE O    O N N 109 
ILE CB   C N S 110 
ILE CG1  C N N 111 
ILE CG2  C N N 112 
ILE CD1  C N N 113 
ILE OXT  O N N 114 
ILE H    H N N 115 
ILE H2   H N N 116 
ILE HA   H N N 117 
ILE HB   H N N 118 
ILE HG12 H N N 119 
ILE HG13 H N N 120 
ILE HG21 H N N 121 
ILE HG22 H N N 122 
ILE HG23 H N N 123 
ILE HD11 H N N 124 
ILE HD12 H N N 125 
ILE HD13 H N N 126 
ILE HXT  H N N 127 
LEU N    N N N 128 
LEU CA   C N S 129 
LEU C    C N N 130 
LEU O    O N N 131 
LEU CB   C N N 132 
LEU CG   C N N 133 
LEU CD1  C N N 134 
LEU CD2  C N N 135 
LEU OXT  O N N 136 
LEU H    H N N 137 
LEU H2   H N N 138 
LEU HA   H N N 139 
LEU HB2  H N N 140 
LEU HB3  H N N 141 
LEU HG   H N N 142 
LEU HD11 H N N 143 
LEU HD12 H N N 144 
LEU HD13 H N N 145 
LEU HD21 H N N 146 
LEU HD22 H N N 147 
LEU HD23 H N N 148 
LEU HXT  H N N 149 
LYS N    N N N 150 
LYS CA   C N S 151 
LYS C    C N N 152 
LYS O    O N N 153 
LYS CB   C N N 154 
LYS CG   C N N 155 
LYS CD   C N N 156 
LYS CE   C N N 157 
LYS NZ   N N N 158 
LYS OXT  O N N 159 
LYS H    H N N 160 
LYS H2   H N N 161 
LYS HA   H N N 162 
LYS HB2  H N N 163 
LYS HB3  H N N 164 
LYS HG2  H N N 165 
LYS HG3  H N N 166 
LYS HD2  H N N 167 
LYS HD3  H N N 168 
LYS HE2  H N N 169 
LYS HE3  H N N 170 
LYS HZ1  H N N 171 
LYS HZ2  H N N 172 
LYS HZ3  H N N 173 
LYS HXT  H N N 174 
MET N    N N N 175 
MET CA   C N S 176 
MET C    C N N 177 
MET O    O N N 178 
MET CB   C N N 179 
MET CG   C N N 180 
MET SD   S N N 181 
MET CE   C N N 182 
MET OXT  O N N 183 
MET H    H N N 184 
MET H2   H N N 185 
MET HA   H N N 186 
MET HB2  H N N 187 
MET HB3  H N N 188 
MET HG2  H N N 189 
MET HG3  H N N 190 
MET HE1  H N N 191 
MET HE2  H N N 192 
MET HE3  H N N 193 
MET HXT  H N N 194 
PHE N    N N N 195 
PHE CA   C N S 196 
PHE C    C N N 197 
PHE O    O N N 198 
PHE CB   C N N 199 
PHE CG   C Y N 200 
PHE CD1  C Y N 201 
PHE CD2  C Y N 202 
PHE CE1  C Y N 203 
PHE CE2  C Y N 204 
PHE CZ   C Y N 205 
PHE OXT  O N N 206 
PHE H    H N N 207 
PHE H2   H N N 208 
PHE HA   H N N 209 
PHE HB2  H N N 210 
PHE HB3  H N N 211 
PHE HD1  H N N 212 
PHE HD2  H N N 213 
PHE HE1  H N N 214 
PHE HE2  H N N 215 
PHE HZ   H N N 216 
PHE HXT  H N N 217 
SER N    N N N 218 
SER CA   C N S 219 
SER C    C N N 220 
SER O    O N N 221 
SER CB   C N N 222 
SER OG   O N N 223 
SER OXT  O N N 224 
SER H    H N N 225 
SER H2   H N N 226 
SER HA   H N N 227 
SER HB2  H N N 228 
SER HB3  H N N 229 
SER HG   H N N 230 
SER HXT  H N N 231 
THR N    N N N 232 
THR CA   C N S 233 
THR C    C N N 234 
THR O    O N N 235 
THR CB   C N R 236 
THR OG1  O N N 237 
THR CG2  C N N 238 
THR OXT  O N N 239 
THR H    H N N 240 
THR H2   H N N 241 
THR HA   H N N 242 
THR HB   H N N 243 
THR HG1  H N N 244 
THR HG21 H N N 245 
THR HG22 H N N 246 
THR HG23 H N N 247 
THR HXT  H N N 248 
TRP N    N N N 249 
TRP CA   C N S 250 
TRP C    C N N 251 
TRP O    O N N 252 
TRP CB   C N N 253 
TRP CG   C Y N 254 
TRP CD1  C Y N 255 
TRP CD2  C Y N 256 
TRP NE1  N Y N 257 
TRP CE2  C Y N 258 
TRP CE3  C Y N 259 
TRP CZ2  C Y N 260 
TRP CZ3  C Y N 261 
TRP CH2  C Y N 262 
TRP OXT  O N N 263 
TRP H    H N N 264 
TRP H2   H N N 265 
TRP HA   H N N 266 
TRP HB2  H N N 267 
TRP HB3  H N N 268 
TRP HD1  H N N 269 
TRP HE1  H N N 270 
TRP HE3  H N N 271 
TRP HZ2  H N N 272 
TRP HZ3  H N N 273 
TRP HH2  H N N 274 
TRP HXT  H N N 275 
TYR N    N N N 276 
TYR CA   C N S 277 
TYR C    C N N 278 
TYR O    O N N 279 
TYR CB   C N N 280 
TYR CG   C Y N 281 
TYR CD1  C Y N 282 
TYR CD2  C Y N 283 
TYR CE1  C Y N 284 
TYR CE2  C Y N 285 
TYR CZ   C Y N 286 
TYR OH   O N N 287 
TYR OXT  O N N 288 
TYR H    H N N 289 
TYR H2   H N N 290 
TYR HA   H N N 291 
TYR HB2  H N N 292 
TYR HB3  H N N 293 
TYR HD1  H N N 294 
TYR HD2  H N N 295 
TYR HE1  H N N 296 
TYR HE2  H N N 297 
TYR HH   H N N 298 
TYR HXT  H N N 299 
VAL N    N N N 300 
VAL CA   C N S 301 
VAL C    C N N 302 
VAL O    O N N 303 
VAL CB   C N N 304 
VAL CG1  C N N 305 
VAL CG2  C N N 306 
VAL OXT  O N N 307 
VAL H    H N N 308 
VAL H2   H N N 309 
VAL HA   H N N 310 
VAL HB   H N N 311 
VAL HG11 H N N 312 
VAL HG12 H N N 313 
VAL HG13 H N N 314 
VAL HG21 H N N 315 
VAL HG22 H N N 316 
VAL HG23 H N N 317 
VAL HXT  H N N 318 
# 
loop_
_chem_comp_bond.comp_id 
_chem_comp_bond.atom_id_1 
_chem_comp_bond.atom_id_2 
_chem_comp_bond.value_order 
_chem_comp_bond.pdbx_aromatic_flag 
_chem_comp_bond.pdbx_stereo_config 
_chem_comp_bond.pdbx_ordinal 
ALA N   CA   sing N N 1   
ALA N   H    sing N N 2   
ALA N   H2   sing N N 3   
ALA CA  C    sing N N 4   
ALA CA  CB   sing N N 5   
ALA CA  HA   sing N N 6   
ALA C   O    doub N N 7   
ALA C   OXT  sing N N 8   
ALA CB  HB1  sing N N 9   
ALA CB  HB2  sing N N 10  
ALA CB  HB3  sing N N 11  
ALA OXT HXT  sing N N 12  
ARG N   CA   sing N N 13  
ARG N   H    sing N N 14  
ARG N   H2   sing N N 15  
ARG CA  C    sing N N 16  
ARG CA  CB   sing N N 17  
ARG CA  HA   sing N N 18  
ARG C   O    doub N N 19  
ARG C   OXT  sing N N 20  
ARG CB  CG   sing N N 21  
ARG CB  HB2  sing N N 22  
ARG CB  HB3  sing N N 23  
ARG CG  CD   sing N N 24  
ARG CG  HG2  sing N N 25  
ARG CG  HG3  sing N N 26  
ARG CD  NE   sing N N 27  
ARG CD  HD2  sing N N 28  
ARG CD  HD3  sing N N 29  
ARG NE  CZ   sing N N 30  
ARG NE  HE   sing N N 31  
ARG CZ  NH1  sing N N 32  
ARG CZ  NH2  doub N N 33  
ARG NH1 HH11 sing N N 34  
ARG NH1 HH12 sing N N 35  
ARG NH2 HH21 sing N N 36  
ARG NH2 HH22 sing N N 37  
ARG OXT HXT  sing N N 38  
ASP N   CA   sing N N 39  
ASP N   H    sing N N 40  
ASP N   H2   sing N N 41  
ASP CA  C    sing N N 42  
ASP CA  CB   sing N N 43  
ASP CA  HA   sing N N 44  
ASP C   O    doub N N 45  
ASP C   OXT  sing N N 46  
ASP CB  CG   sing N N 47  
ASP CB  HB2  sing N N 48  
ASP CB  HB3  sing N N 49  
ASP CG  OD1  doub N N 50  
ASP CG  OD2  sing N N 51  
ASP OD2 HD2  sing N N 52  
ASP OXT HXT  sing N N 53  
GLN N   CA   sing N N 54  
GLN N   H    sing N N 55  
GLN N   H2   sing N N 56  
GLN CA  C    sing N N 57  
GLN CA  CB   sing N N 58  
GLN CA  HA   sing N N 59  
GLN C   O    doub N N 60  
GLN C   OXT  sing N N 61  
GLN CB  CG   sing N N 62  
GLN CB  HB2  sing N N 63  
GLN CB  HB3  sing N N 64  
GLN CG  CD   sing N N 65  
GLN CG  HG2  sing N N 66  
GLN CG  HG3  sing N N 67  
GLN CD  OE1  doub N N 68  
GLN CD  NE2  sing N N 69  
GLN NE2 HE21 sing N N 70  
GLN NE2 HE22 sing N N 71  
GLN OXT HXT  sing N N 72  
GLU N   CA   sing N N 73  
GLU N   H    sing N N 74  
GLU N   H2   sing N N 75  
GLU CA  C    sing N N 76  
GLU CA  CB   sing N N 77  
GLU CA  HA   sing N N 78  
GLU C   O    doub N N 79  
GLU C   OXT  sing N N 80  
GLU CB  CG   sing N N 81  
GLU CB  HB2  sing N N 82  
GLU CB  HB3  sing N N 83  
GLU CG  CD   sing N N 84  
GLU CG  HG2  sing N N 85  
GLU CG  HG3  sing N N 86  
GLU CD  OE1  doub N N 87  
GLU CD  OE2  sing N N 88  
GLU OE2 HE2  sing N N 89  
GLU OXT HXT  sing N N 90  
GLY N   CA   sing N N 91  
GLY N   H    sing N N 92  
GLY N   H2   sing N N 93  
GLY CA  C    sing N N 94  
GLY CA  HA2  sing N N 95  
GLY CA  HA3  sing N N 96  
GLY C   O    doub N N 97  
GLY C   OXT  sing N N 98  
GLY OXT HXT  sing N N 99  
ILE N   CA   sing N N 100 
ILE N   H    sing N N 101 
ILE N   H2   sing N N 102 
ILE CA  C    sing N N 103 
ILE CA  CB   sing N N 104 
ILE CA  HA   sing N N 105 
ILE C   O    doub N N 106 
ILE C   OXT  sing N N 107 
ILE CB  CG1  sing N N 108 
ILE CB  CG2  sing N N 109 
ILE CB  HB   sing N N 110 
ILE CG1 CD1  sing N N 111 
ILE CG1 HG12 sing N N 112 
ILE CG1 HG13 sing N N 113 
ILE CG2 HG21 sing N N 114 
ILE CG2 HG22 sing N N 115 
ILE CG2 HG23 sing N N 116 
ILE CD1 HD11 sing N N 117 
ILE CD1 HD12 sing N N 118 
ILE CD1 HD13 sing N N 119 
ILE OXT HXT  sing N N 120 
LEU N   CA   sing N N 121 
LEU N   H    sing N N 122 
LEU N   H2   sing N N 123 
LEU CA  C    sing N N 124 
LEU CA  CB   sing N N 125 
LEU CA  HA   sing N N 126 
LEU C   O    doub N N 127 
LEU C   OXT  sing N N 128 
LEU CB  CG   sing N N 129 
LEU CB  HB2  sing N N 130 
LEU CB  HB3  sing N N 131 
LEU CG  CD1  sing N N 132 
LEU CG  CD2  sing N N 133 
LEU CG  HG   sing N N 134 
LEU CD1 HD11 sing N N 135 
LEU CD1 HD12 sing N N 136 
LEU CD1 HD13 sing N N 137 
LEU CD2 HD21 sing N N 138 
LEU CD2 HD22 sing N N 139 
LEU CD2 HD23 sing N N 140 
LEU OXT HXT  sing N N 141 
LYS N   CA   sing N N 142 
LYS N   H    sing N N 143 
LYS N   H2   sing N N 144 
LYS CA  C    sing N N 145 
LYS CA  CB   sing N N 146 
LYS CA  HA   sing N N 147 
LYS C   O    doub N N 148 
LYS C   OXT  sing N N 149 
LYS CB  CG   sing N N 150 
LYS CB  HB2  sing N N 151 
LYS CB  HB3  sing N N 152 
LYS CG  CD   sing N N 153 
LYS CG  HG2  sing N N 154 
LYS CG  HG3  sing N N 155 
LYS CD  CE   sing N N 156 
LYS CD  HD2  sing N N 157 
LYS CD  HD3  sing N N 158 
LYS CE  NZ   sing N N 159 
LYS CE  HE2  sing N N 160 
LYS CE  HE3  sing N N 161 
LYS NZ  HZ1  sing N N 162 
LYS NZ  HZ2  sing N N 163 
LYS NZ  HZ3  sing N N 164 
LYS OXT HXT  sing N N 165 
MET N   CA   sing N N 166 
MET N   H    sing N N 167 
MET N   H2   sing N N 168 
MET CA  C    sing N N 169 
MET CA  CB   sing N N 170 
MET CA  HA   sing N N 171 
MET C   O    doub N N 172 
MET C   OXT  sing N N 173 
MET CB  CG   sing N N 174 
MET CB  HB2  sing N N 175 
MET CB  HB3  sing N N 176 
MET CG  SD   sing N N 177 
MET CG  HG2  sing N N 178 
MET CG  HG3  sing N N 179 
MET SD  CE   sing N N 180 
MET CE  HE1  sing N N 181 
MET CE  HE2  sing N N 182 
MET CE  HE3  sing N N 183 
MET OXT HXT  sing N N 184 
PHE N   CA   sing N N 185 
PHE N   H    sing N N 186 
PHE N   H2   sing N N 187 
PHE CA  C    sing N N 188 
PHE CA  CB   sing N N 189 
PHE CA  HA   sing N N 190 
PHE C   O    doub N N 191 
PHE C   OXT  sing N N 192 
PHE CB  CG   sing N N 193 
PHE CB  HB2  sing N N 194 
PHE CB  HB3  sing N N 195 
PHE CG  CD1  doub Y N 196 
PHE CG  CD2  sing Y N 197 
PHE CD1 CE1  sing Y N 198 
PHE CD1 HD1  sing N N 199 
PHE CD2 CE2  doub Y N 200 
PHE CD2 HD2  sing N N 201 
PHE CE1 CZ   doub Y N 202 
PHE CE1 HE1  sing N N 203 
PHE CE2 CZ   sing Y N 204 
PHE CE2 HE2  sing N N 205 
PHE CZ  HZ   sing N N 206 
PHE OXT HXT  sing N N 207 
SER N   CA   sing N N 208 
SER N   H    sing N N 209 
SER N   H2   sing N N 210 
SER CA  C    sing N N 211 
SER CA  CB   sing N N 212 
SER CA  HA   sing N N 213 
SER C   O    doub N N 214 
SER C   OXT  sing N N 215 
SER CB  OG   sing N N 216 
SER CB  HB2  sing N N 217 
SER CB  HB3  sing N N 218 
SER OG  HG   sing N N 219 
SER OXT HXT  sing N N 220 
THR N   CA   sing N N 221 
THR N   H    sing N N 222 
THR N   H2   sing N N 223 
THR CA  C    sing N N 224 
THR CA  CB   sing N N 225 
THR CA  HA   sing N N 226 
THR C   O    doub N N 227 
THR C   OXT  sing N N 228 
THR CB  OG1  sing N N 229 
THR CB  CG2  sing N N 230 
THR CB  HB   sing N N 231 
THR OG1 HG1  sing N N 232 
THR CG2 HG21 sing N N 233 
THR CG2 HG22 sing N N 234 
THR CG2 HG23 sing N N 235 
THR OXT HXT  sing N N 236 
TRP N   CA   sing N N 237 
TRP N   H    sing N N 238 
TRP N   H2   sing N N 239 
TRP CA  C    sing N N 240 
TRP CA  CB   sing N N 241 
TRP CA  HA   sing N N 242 
TRP C   O    doub N N 243 
TRP C   OXT  sing N N 244 
TRP CB  CG   sing N N 245 
TRP CB  HB2  sing N N 246 
TRP CB  HB3  sing N N 247 
TRP CG  CD1  doub Y N 248 
TRP CG  CD2  sing Y N 249 
TRP CD1 NE1  sing Y N 250 
TRP CD1 HD1  sing N N 251 
TRP CD2 CE2  doub Y N 252 
TRP CD2 CE3  sing Y N 253 
TRP NE1 CE2  sing Y N 254 
TRP NE1 HE1  sing N N 255 
TRP CE2 CZ2  sing Y N 256 
TRP CE3 CZ3  doub Y N 257 
TRP CE3 HE3  sing N N 258 
TRP CZ2 CH2  doub Y N 259 
TRP CZ2 HZ2  sing N N 260 
TRP CZ3 CH2  sing Y N 261 
TRP CZ3 HZ3  sing N N 262 
TRP CH2 HH2  sing N N 263 
TRP OXT HXT  sing N N 264 
TYR N   CA   sing N N 265 
TYR N   H    sing N N 266 
TYR N   H2   sing N N 267 
TYR CA  C    sing N N 268 
TYR CA  CB   sing N N 269 
TYR CA  HA   sing N N 270 
TYR C   O    doub N N 271 
TYR C   OXT  sing N N 272 
TYR CB  CG   sing N N 273 
TYR CB  HB2  sing N N 274 
TYR CB  HB3  sing N N 275 
TYR CG  CD1  doub Y N 276 
TYR CG  CD2  sing Y N 277 
TYR CD1 CE1  sing Y N 278 
TYR CD1 HD1  sing N N 279 
TYR CD2 CE2  doub Y N 280 
TYR CD2 HD2  sing N N 281 
TYR CE1 CZ   doub Y N 282 
TYR CE1 HE1  sing N N 283 
TYR CE2 CZ   sing Y N 284 
TYR CE2 HE2  sing N N 285 
TYR CZ  OH   sing N N 286 
TYR OH  HH   sing N N 287 
TYR OXT HXT  sing N N 288 
VAL N   CA   sing N N 289 
VAL N   H    sing N N 290 
VAL N   H2   sing N N 291 
VAL CA  C    sing N N 292 
VAL CA  CB   sing N N 293 
VAL CA  HA   sing N N 294 
VAL C   O    doub N N 295 
VAL C   OXT  sing N N 296 
VAL CB  CG1  sing N N 297 
VAL CB  CG2  sing N N 298 
VAL CB  HB   sing N N 299 
VAL CG1 HG11 sing N N 300 
VAL CG1 HG12 sing N N 301 
VAL CG1 HG13 sing N N 302 
VAL CG2 HG21 sing N N 303 
VAL CG2 HG22 sing N N 304 
VAL CG2 HG23 sing N N 305 
VAL OXT HXT  sing N N 306 
# 
_atom_sites.entry_id                    1IFK 
_atom_sites.fract_transf_matrix[1][1]   1.000000 
_atom_sites.fract_transf_matrix[1][2]   0.000000 
_atom_sites.fract_transf_matrix[1][3]   0.000000 
_atom_sites.fract_transf_matrix[2][1]   0.000000 
_atom_sites.fract_transf_matrix[2][2]   1.000000 
_atom_sites.fract_transf_matrix[2][3]   0.000000 
_atom_sites.fract_transf_matrix[3][1]   0.000000 
_atom_sites.fract_transf_matrix[3][2]   0.000000 
_atom_sites.fract_transf_matrix[3][3]   1.000000 
_atom_sites.fract_transf_vector[1]      0.00000 
_atom_sites.fract_transf_vector[2]      0.00000 
_atom_sites.fract_transf_vector[3]      0.00000 
# 
loop_
_atom_type.symbol 
C 
N 
O 
S 
# 
loop_
_atom_site.group_PDB 
_atom_site.id 
_atom_site.type_symbol 
_atom_site.label_atom_id 
_atom_site.label_alt_id 
_atom_site.label_comp_id 
_atom_site.label_asym_id 
_atom_site.label_entity_id 
_atom_site.label_seq_id 
_atom_site.pdbx_PDB_ins_code 
_atom_site.Cartn_x 
_atom_site.Cartn_y 
_atom_site.Cartn_z 
_atom_site.occupancy 
_atom_site.B_iso_or_equiv 
_atom_site.pdbx_formal_charge 
_atom_site.auth_seq_id 
_atom_site.auth_comp_id 
_atom_site.auth_asym_id 
_atom_site.auth_atom_id 
_atom_site.pdbx_PDB_model_num 
ATOM 1   N N   . ALA A 1 1  ? -28.213 -22.923 8.437   1.00 10.00 ? 1  ALA A N   1 
ATOM 2   C CA  . ALA A 1 1  ? -27.358 -23.324 9.631   1.00 10.00 ? 1  ALA A CA  1 
ATOM 3   C C   . ALA A 1 1  ? -26.468 -22.223 10.184  1.00 10.00 ? 1  ALA A C   1 
ATOM 4   O O   . ALA A 1 1  ? -25.624 -21.651 9.485   1.00 10.00 ? 1  ALA A O   1 
ATOM 5   C CB  . ALA A 1 1  ? -26.598 -24.547 9.325   1.00 10.00 ? 1  ALA A CB  1 
ATOM 6   N N   . ASP A 1 2  ? -26.640 -21.975 11.486  1.00 10.00 ? 2  ASP A N   1 
ATOM 7   C CA  . ASP A 1 2  ? -25.729 -21.086 12.234  1.00 10.00 ? 2  ASP A CA  1 
ATOM 8   C C   . ASP A 1 2  ? -24.313 -21.591 12.549  1.00 10.00 ? 2  ASP A C   1 
ATOM 9   O O   . ASP A 1 2  ? -23.381 -20.782 12.534  1.00 10.00 ? 2  ASP A O   1 
ATOM 10  C CB  . ASP A 1 2  ? -26.381 -20.313 13.370  1.00 10.00 ? 2  ASP A CB  1 
ATOM 11  C CG  . ASP A 1 2  ? -27.439 -19.305 12.946  1.00 10.00 ? 2  ASP A CG  1 
ATOM 12  O OD1 . ASP A 1 2  ? -26.895 -18.213 12.318  1.00 10.00 ? 2  ASP A OD1 1 
ATOM 13  O OD2 . ASP A 1 2  ? -28.641 -19.466 13.149  1.00 10.00 ? 2  ASP A OD2 1 
ATOM 14  N N   . ASP A 1 3  ? -24.134 -22.909 12.744  1.00 10.00 ? 3  ASP A N   1 
ATOM 15  C CA  . ASP A 1 3  ? -22.817 -23.579 12.636  1.00 10.00 ? 3  ASP A CA  1 
ATOM 16  C C   . ASP A 1 3  ? -22.073 -23.425 11.280  1.00 10.00 ? 3  ASP A C   1 
ATOM 17  O O   . ASP A 1 3  ? -20.873 -23.138 11.286  1.00 10.00 ? 3  ASP A O   1 
ATOM 18  C CB  . ASP A 1 3  ? -22.867 -25.065 12.997  1.00 10.00 ? 3  ASP A CB  1 
ATOM 19  C CG  . ASP A 1 3  ? -23.441 -25.470 14.338  1.00 10.00 ? 3  ASP A CG  1 
ATOM 20  O OD1 . ASP A 1 3  ? -22.655 -25.071 15.387  1.00 10.00 ? 3  ASP A OD1 1 
ATOM 21  O OD2 . ASP A 1 3  ? -24.499 -26.087 14.454  1.00 10.00 ? 3  ASP A OD2 1 
ATOM 22  N N   . ALA A 1 4  ? -22.802 -23.549 10.155  1.00 10.00 ? 4  ALA A N   1 
ATOM 23  C CA  . ALA A 1 4  ? -22.359 -23.085 8.828   1.00 10.00 ? 4  ALA A CA  1 
ATOM 24  C C   . ALA A 1 4  ? -21.833 -21.646 8.688   1.00 10.00 ? 4  ALA A C   1 
ATOM 25  O O   . ALA A 1 4  ? -20.756 -21.459 8.112   1.00 10.00 ? 4  ALA A O   1 
ATOM 26  C CB  . ALA A 1 4  ? -23.542 -23.286 7.882   1.00 10.00 ? 4  ALA A CB  1 
ATOM 27  N N   . THR A 1 5  ? -22.555 -20.661 9.254   1.00 10.00 ? 5  THR A N   1 
ATOM 28  C CA  . THR A 1 5  ? -22.037 -19.290 9.408   1.00 10.00 ? 5  THR A CA  1 
ATOM 29  C C   . THR A 1 5  ? -20.844 -19.077 10.346  1.00 10.00 ? 5  THR A C   1 
ATOM 30  O O   . THR A 1 5  ? -20.074 -18.162 10.071  1.00 10.00 ? 5  THR A O   1 
ATOM 31  C CB  . THR A 1 5  ? -23.155 -18.255 9.373   1.00 10.00 ? 5  THR A CB  1 
ATOM 32  O OG1 . THR A 1 5  ? -23.880 -18.379 8.155   1.00 10.00 ? 5  THR A OG1 1 
ATOM 33  C CG2 . THR A 1 5  ? -22.766 -16.790 9.502   1.00 10.00 ? 5  THR A CG2 1 
ATOM 34  N N   . SER A 1 6  ? -20.617 -19.917 11.373  1.00 10.00 ? 6  SER A N   1 
ATOM 35  C CA  . SER A 1 6  ? -19.324 -19.967 12.084  1.00 10.00 ? 6  SER A CA  1 
ATOM 36  C C   . SER A 1 6  ? -18.085 -20.380 11.270  1.00 10.00 ? 6  SER A C   1 
ATOM 37  O O   . SER A 1 6  ? -17.072 -19.681 11.358  1.00 10.00 ? 6  SER A O   1 
ATOM 38  C CB  . SER A 1 6  ? -19.419 -20.724 13.410  1.00 10.00 ? 6  SER A CB  1 
ATOM 39  O OG  . SER A 1 6  ? -20.315 -20.079 14.306  1.00 10.00 ? 6  SER A OG  1 
ATOM 40  N N   . GLN A 1 7  ? -18.178 -21.447 10.449  1.00 10.00 ? 7  GLN A N   1 
ATOM 41  C CA  . GLN A 1 7  ? -17.138 -21.779 9.451   1.00 10.00 ? 7  GLN A CA  1 
ATOM 42  C C   . GLN A 1 7  ? -16.821 -20.709 8.387   1.00 10.00 ? 7  GLN A C   1 
ATOM 43  O O   . GLN A 1 7  ? -15.648 -20.345 8.242   1.00 10.00 ? 7  GLN A O   1 
ATOM 44  C CB  . GLN A 1 7  ? -17.354 -23.147 8.808   1.00 10.00 ? 7  GLN A CB  1 
ATOM 45  C CG  . GLN A 1 7  ? -17.191 -24.373 9.694   1.00 10.00 ? 7  GLN A CG  1 
ATOM 46  C CD  . GLN A 1 7  ? -15.772 -24.669 10.136  1.00 10.00 ? 7  GLN A CD  1 
ATOM 47  O OE1 . GLN A 1 7  ? -15.260 -24.097 11.098  1.00 10.00 ? 7  GLN A OE1 1 
ATOM 48  N NE2 . GLN A 1 7  ? -15.114 -25.590 9.450   1.00 10.00 ? 7  GLN A NE2 1 
ATOM 49  N N   . ALA A 1 8  ? -17.854 -20.170 7.714   1.00 10.00 ? 8  ALA A N   1 
ATOM 50  C CA  . ALA A 1 8  ? -17.720 -18.967 6.877   1.00 10.00 ? 8  ALA A CA  1 
ATOM 51  C C   . ALA A 1 8  ? -17.186 -17.671 7.505   1.00 10.00 ? 8  ALA A C   1 
ATOM 52  O O   . ALA A 1 8  ? -16.377 -17.006 6.860   1.00 10.00 ? 8  ALA A O   1 
ATOM 53  C CB  . ALA A 1 8  ? -18.992 -18.754 6.066   1.00 10.00 ? 8  ALA A CB  1 
ATOM 54  N N   . LYS A 1 9  ? -17.585 -17.351 8.748   1.00 10.00 ? 9  LYS A N   1 
ATOM 55  C CA  . LYS A 1 9  ? -17.027 -16.228 9.525   1.00 10.00 ? 9  LYS A CA  1 
ATOM 56  C C   . LYS A 1 9  ? -15.520 -16.265 9.821   1.00 10.00 ? 9  LYS A C   1 
ATOM 57  O O   . LYS A 1 9  ? -14.849 -15.283 9.500   1.00 10.00 ? 9  LYS A O   1 
ATOM 58  C CB  . LYS A 1 9  ? -17.782 -15.972 10.827  1.00 10.00 ? 9  LYS A CB  1 
ATOM 59  C CG  . LYS A 1 9  ? -19.163 -15.345 10.698  1.00 10.00 ? 9  LYS A CG  1 
ATOM 60  C CD  . LYS A 1 9  ? -19.640 -14.968 12.100  1.00 10.00 ? 9  LYS A CD  1 
ATOM 61  C CE  . LYS A 1 9  ? -20.934 -14.172 12.046  1.00 10.00 ? 9  LYS A CE  1 
ATOM 62  N NZ  . LYS A 1 9  ? -21.266 -13.716 13.403  1.00 10.00 ? 9  LYS A NZ  1 
ATOM 63  N N   . ALA A 1 10 ? -14.999 -17.374 10.382  1.00 10.00 ? 10 ALA A N   1 
ATOM 64  C CA  . ALA A 1 10 ? -13.550 -17.570 10.546  1.00 10.00 ? 10 ALA A CA  1 
ATOM 65  C C   . ALA A 1 10 ? -12.655 -17.537 9.304   1.00 10.00 ? 10 ALA A C   1 
ATOM 66  O O   . ALA A 1 10 ? -11.607 -16.884 9.346   1.00 10.00 ? 10 ALA A O   1 
ATOM 67  C CB  . ALA A 1 10 ? -13.257 -18.742 11.473  1.00 10.00 ? 10 ALA A CB  1 
ATOM 68  N N   . ALA A 1 11 ? -13.088 -18.169 8.200   1.00 10.00 ? 11 ALA A N   1 
ATOM 69  C CA  . ALA A 1 11 ? -12.460 -17.961 6.888   1.00 10.00 ? 11 ALA A CA  1 
ATOM 70  C C   . ALA A 1 11 ? -12.516 -16.579 6.233   1.00 10.00 ? 11 ALA A C   1 
ATOM 71  O O   . ALA A 1 11 ? -11.519 -16.183 5.626   1.00 10.00 ? 11 ALA A O   1 
ATOM 72  C CB  . ALA A 1 11 ? -12.808 -19.097 5.952   1.00 10.00 ? 11 ALA A CB  1 
ATOM 73  N N   . PHE A 1 12 ? -13.620 -15.829 6.388   1.00 10.00 ? 12 PHE A N   1 
ATOM 74  C CA  . PHE A 1 12 ? -13.653 -14.390 6.063   1.00 10.00 ? 12 PHE A CA  1 
ATOM 75  C C   . PHE A 1 12 ? -12.780 -13.437 6.910   1.00 10.00 ? 12 PHE A C   1 
ATOM 76  O O   . PHE A 1 12 ? -12.252 -12.478 6.345   1.00 10.00 ? 12 PHE A O   1 
ATOM 77  C CB  . PHE A 1 12 ? -15.053 -13.816 5.888   1.00 10.00 ? 12 PHE A CB  1 
ATOM 78  C CG  . PHE A 1 12 ? -15.954 -14.319 4.782   1.00 10.00 ? 12 PHE A CG  1 
ATOM 79  C CD1 . PHE A 1 12 ? -15.528 -14.435 3.455   1.00 10.00 ? 12 PHE A CD1 1 
ATOM 80  C CD2 . PHE A 1 12 ? -17.273 -14.623 5.100   1.00 10.00 ? 12 PHE A CD2 1 
ATOM 81  C CE1 . PHE A 1 12 ? -16.411 -14.860 2.468   1.00 10.00 ? 12 PHE A CE1 1 
ATOM 82  C CE2 . PHE A 1 12 ? -18.156 -15.051 4.114   1.00 10.00 ? 12 PHE A CE2 1 
ATOM 83  C CZ  . PHE A 1 12 ? -17.725 -15.166 2.799   1.00 10.00 ? 12 PHE A CZ  1 
ATOM 84  N N   . ASP A 1 13 ? -12.578 -13.720 8.209   1.00 10.00 ? 13 ASP A N   1 
ATOM 85  C CA  . ASP A 1 13 ? -11.538 -13.063 9.027   1.00 10.00 ? 13 ASP A CA  1 
ATOM 86  C C   . ASP A 1 13 ? -10.074 -13.310 8.615   1.00 10.00 ? 13 ASP A C   1 
ATOM 87  O O   . ASP A 1 13 ? -9.319  -12.337 8.543   1.00 10.00 ? 13 ASP A O   1 
ATOM 88  C CB  . ASP A 1 13 ? -11.728 -13.278 10.528  1.00 10.00 ? 13 ASP A CB  1 
ATOM 89  C CG  . ASP A 1 13 ? -12.970 -12.663 11.141  1.00 10.00 ? 13 ASP A CG  1 
ATOM 90  O OD1 . ASP A 1 13 ? -12.901 -11.295 11.190  1.00 10.00 ? 13 ASP A OD1 1 
ATOM 91  O OD2 . ASP A 1 13 ? -13.923 -13.327 11.547  1.00 10.00 ? 13 ASP A OD2 1 
ATOM 92  N N   . SER A 1 14 ? -9.693  -14.561 8.287   1.00 10.00 ? 14 SER A N   1 
ATOM 93  C CA  . SER A 1 14 ? -8.421  -14.846 7.594   1.00 10.00 ? 14 SER A CA  1 
ATOM 94  C C   . SER A 1 14 ? -8.204  -14.213 6.207   1.00 10.00 ? 14 SER A C   1 
ATOM 95  O O   . SER A 1 14 ? -7.097  -13.734 5.957   1.00 10.00 ? 14 SER A O   1 
ATOM 96  C CB  . SER A 1 14 ? -8.094  -16.341 7.582   1.00 10.00 ? 14 SER A CB  1 
ATOM 97  O OG  . SER A 1 14 ? -7.871  -16.832 8.899   1.00 10.00 ? 14 SER A OG  1 
ATOM 98  N N   . LEU A 1 15 ? -9.238  -14.169 5.352   1.00 10.00 ? 15 LEU A N   1 
ATOM 99  C CA  . LEU A 1 15 ? -9.205  -13.428 4.075   1.00 10.00 ? 15 LEU A CA  1 
ATOM 100 C C   . LEU A 1 15 ? -9.098  -11.889 4.143   1.00 10.00 ? 15 LEU A C   1 
ATOM 101 O O   . LEU A 1 15 ? -8.391  -11.312 3.315   1.00 10.00 ? 15 LEU A O   1 
ATOM 102 C CB  . LEU A 1 15 ? -10.338 -13.825 3.127   1.00 10.00 ? 15 LEU A CB  1 
ATOM 103 C CG  . LEU A 1 15 ? -10.518 -15.288 2.768   1.00 10.00 ? 15 LEU A CG  1 
ATOM 104 C CD1 . LEU A 1 15 ? -11.805 -15.491 1.977   1.00 10.00 ? 15 LEU A CD1 1 
ATOM 105 C CD2 . LEU A 1 15 ? -9.332  -15.922 2.062   1.00 10.00 ? 15 LEU A CD2 1 
ATOM 106 N N   . THR A 1 16 ? -9.759  -11.245 5.119   1.00 10.00 ? 16 THR A N   1 
ATOM 107 C CA  . THR A 1 16 ? -9.588  -9.805  5.404   1.00 10.00 ? 16 THR A CA  1 
ATOM 108 C C   . THR A 1 16 ? -8.238  -9.401  6.038   1.00 10.00 ? 16 THR A C   1 
ATOM 109 O O   . THR A 1 16 ? -7.695  -8.373  5.630   1.00 10.00 ? 16 THR A O   1 
ATOM 110 C CB  . THR A 1 16 ? -10.830 -9.189  6.068   1.00 10.00 ? 16 THR A CB  1 
ATOM 111 O OG1 . THR A 1 16 ? -12.040 -9.611  5.446   1.00 10.00 ? 16 THR A OG1 1 
ATOM 112 C CG2 . THR A 1 16 ? -10.848 -7.664  6.070   1.00 10.00 ? 16 THR A CG2 1 
ATOM 113 N N   . ALA A 1 17 ? -7.678  -10.205 6.963   1.00 10.00 ? 17 ALA A N   1 
ATOM 114 C CA  . ALA A 1 17 ? -6.253  -10.111 7.335   1.00 10.00 ? 17 ALA A CA  1 
ATOM 115 C C   . ALA A 1 17 ? -5.188  -10.334 6.247   1.00 10.00 ? 17 ALA A C   1 
ATOM 116 O O   . ALA A 1 17 ? -4.197  -9.603  6.234   1.00 10.00 ? 17 ALA A O   1 
ATOM 117 C CB  . ALA A 1 17 ? -5.977  -10.911 8.603   1.00 10.00 ? 17 ALA A CB  1 
ATOM 118 N N   . GLN A 1 18 ? -5.426  -11.267 5.310   1.00 10.00 ? 18 GLN A N   1 
ATOM 119 C CA  . GLN A 1 18 ? -4.735  -11.316 4.002   1.00 10.00 ? 18 GLN A CA  1 
ATOM 120 C C   . GLN A 1 18 ? -4.812  -10.042 3.125   1.00 10.00 ? 18 GLN A C   1 
ATOM 121 O O   . GLN A 1 18 ? -3.777  -9.637  2.591   1.00 10.00 ? 18 GLN A O   1 
ATOM 122 C CB  . GLN A 1 18 ? -5.280  -12.492 3.191   1.00 10.00 ? 18 GLN A CB  1 
ATOM 123 C CG  . GLN A 1 18 ? -4.822  -13.877 3.627   1.00 10.00 ? 18 GLN A CG  1 
ATOM 124 C CD  . GLN A 1 18 ? -5.670  -14.988 3.025   1.00 10.00 ? 18 GLN A CD  1 
ATOM 125 O OE1 . GLN A 1 18 ? -6.372  -15.693 3.745   1.00 10.00 ? 18 GLN A OE1 1 
ATOM 126 N NE2 . GLN A 1 18 ? -5.613  -15.190 1.716   1.00 10.00 ? 18 GLN A NE2 1 
ATOM 127 N N   . ALA A 1 19 ? -5.994  -9.407  3.024   1.00 10.00 ? 19 ALA A N   1 
ATOM 128 C CA  . ALA A 1 19 ? -6.137  -8.054  2.468   1.00 10.00 ? 19 ALA A CA  1 
ATOM 129 C C   . ALA A 1 19 ? -5.392  -6.888  3.128   1.00 10.00 ? 19 ALA A C   1 
ATOM 130 O O   . ALA A 1 19 ? -4.901  -6.029  2.396   1.00 10.00 ? 19 ALA A O   1 
ATOM 131 C CB  . ALA A 1 19 ? -7.605  -7.744  2.196   1.00 10.00 ? 19 ALA A CB  1 
ATOM 132 N N   . THR A 1 20 ? -5.260  -6.875  4.464   1.00 10.00 ? 20 THR A N   1 
ATOM 133 C CA  . THR A 1 20 ? -4.345  -5.951  5.168   1.00 10.00 ? 20 THR A CA  1 
ATOM 134 C C   . THR A 1 20 ? -2.830  -6.223  4.997   1.00 10.00 ? 20 THR A C   1 
ATOM 135 O O   . THR A 1 20 ? -2.067  -5.258  4.954   1.00 10.00 ? 20 THR A O   1 
ATOM 136 C CB  . THR A 1 20 ? -4.766  -5.699  6.627   1.00 10.00 ? 20 THR A CB  1 
ATOM 137 O OG1 . THR A 1 20 ? -6.173  -5.551  6.770   1.00 10.00 ? 20 THR A OG1 1 
ATOM 138 C CG2 . THR A 1 20 ? -4.122  -4.461  7.250   1.00 10.00 ? 20 THR A CG2 1 
ATOM 139 N N   . GLU A 1 21 ? -2.404  -7.492  4.878   1.00 10.00 ? 21 GLU A N   1 
ATOM 140 C CA  . GLU A 1 21 ? -1.012  -7.859  4.533   1.00 10.00 ? 21 GLU A CA  1 
ATOM 141 C C   . GLU A 1 21 ? -0.551  -7.444  3.115   1.00 10.00 ? 21 GLU A C   1 
ATOM 142 O O   . GLU A 1 21 ? 0.469   -6.759  2.997   1.00 10.00 ? 21 GLU A O   1 
ATOM 143 C CB  . GLU A 1 21 ? -0.772  -9.354  4.769   1.00 10.00 ? 21 GLU A CB  1 
ATOM 144 C CG  . GLU A 1 21 ? -0.889  -9.819  6.218   1.00 10.00 ? 21 GLU A CG  1 
ATOM 145 C CD  . GLU A 1 21 ? -0.992  -11.331 6.322   1.00 10.00 ? 21 GLU A CD  1 
ATOM 146 O OE1 . GLU A 1 21 ? -1.881  -11.997 5.790   1.00 10.00 ? 21 GLU A OE1 1 
ATOM 147 O OE2 . GLU A 1 21 ? 0.005   -11.855 7.101   1.00 10.00 ? 21 GLU A OE2 1 
ATOM 148 N N   . MET A 1 22 ? -1.328  -7.801  2.075   1.00 10.00 ? 22 MET A N   1 
ATOM 149 C CA  . MET A 1 22 ? -1.130  -7.291  0.706   1.00 10.00 ? 22 MET A CA  1 
ATOM 150 C C   . MET A 1 22 ? -1.265  -5.772  0.520   1.00 10.00 ? 22 MET A C   1 
ATOM 151 O O   . MET A 1 22 ? -0.343  -5.178  -0.036  1.00 10.00 ? 22 MET A O   1 
ATOM 152 C CB  . MET A 1 22 ? -1.934  -8.053  -0.343  1.00 10.00 ? 22 MET A CB  1 
ATOM 153 C CG  . MET A 1 22 ? -1.564  -9.521  -0.513  1.00 10.00 ? 22 MET A CG  1 
ATOM 154 S SD  . MET A 1 22 ? -2.669  -10.245 -1.735  1.00 10.00 ? 22 MET A SD  1 
ATOM 155 C CE  . MET A 1 22 ? -2.535  -11.964 -1.226  1.00 10.00 ? 22 MET A CE  1 
ATOM 156 N N   . SER A 1 23 ? -2.328  -5.139  1.048   1.00 10.00 ? 23 SER A N   1 
ATOM 157 C CA  . SER A 1 23 ? -2.388  -3.671  1.193   1.00 10.00 ? 23 SER A CA  1 
ATOM 158 C C   . SER A 1 23 ? -1.244  -2.947  1.926   1.00 10.00 ? 23 SER A C   1 
ATOM 159 O O   . SER A 1 23 ? -0.907  -1.840  1.508   1.00 10.00 ? 23 SER A O   1 
ATOM 160 C CB  . SER A 1 23 ? -3.753  -3.186  1.686   1.00 10.00 ? 23 SER A CB  1 
ATOM 161 O OG  . SER A 1 23 ? -4.781  -3.486  0.750   1.00 10.00 ? 23 SER A OG  1 
ATOM 162 N N   . GLY A 1 24 ? -0.623  -3.570  2.944   1.00 10.00 ? 24 GLY A N   1 
ATOM 163 C CA  . GLY A 1 24 ? 0.666   -3.122  3.505   1.00 10.00 ? 24 GLY A CA  1 
ATOM 164 C C   . GLY A 1 24 ? 1.867   -3.041  2.556   1.00 10.00 ? 24 GLY A C   1 
ATOM 165 O O   . GLY A 1 24 ? 2.546   -2.012  2.544   1.00 10.00 ? 24 GLY A O   1 
ATOM 166 N N   . TYR A 1 25 ? 2.070   -4.078  1.727   1.00 10.00 ? 25 TYR A N   1 
ATOM 167 C CA  . TYR A 1 25 ? 2.902   -3.965  0.510   1.00 10.00 ? 25 TYR A CA  1 
ATOM 168 C C   . TYR A 1 25 ? 2.522   -2.911  -0.551  1.00 10.00 ? 25 TYR A C   1 
ATOM 169 O O   . TYR A 1 25 ? 3.429   -2.406  -1.212  1.00 10.00 ? 25 TYR A O   1 
ATOM 170 C CB  . TYR A 1 25 ? 3.151   -5.302  -0.191  1.00 10.00 ? 25 TYR A CB  1 
ATOM 171 C CG  . TYR A 1 25 ? 3.894   -6.358  0.580   1.00 10.00 ? 25 TYR A CG  1 
ATOM 172 C CD1 . TYR A 1 25 ? 5.268   -6.264  0.796   1.00 10.00 ? 25 TYR A CD1 1 
ATOM 173 C CD2 . TYR A 1 25 ? 3.181   -7.426  1.109   1.00 10.00 ? 25 TYR A CD2 1 
ATOM 174 C CE1 . TYR A 1 25 ? 5.920   -7.233  1.550   1.00 10.00 ? 25 TYR A CE1 1 
ATOM 175 C CE2 . TYR A 1 25 ? 3.834   -8.393  1.862   1.00 10.00 ? 25 TYR A CE2 1 
ATOM 176 C CZ  . TYR A 1 25 ? 5.201   -8.300  2.083   1.00 10.00 ? 25 TYR A CZ  1 
ATOM 177 O OH  . TYR A 1 25 ? 5.840   -9.254  2.817   1.00 10.00 ? 25 TYR A OH  1 
ATOM 178 N N   . ALA A 1 26 ? 1.232   -2.570  -0.706  1.00 10.00 ? 26 ALA A N   1 
ATOM 179 C CA  . ALA A 1 26 ? 0.806   -1.419  -1.516  1.00 10.00 ? 26 ALA A CA  1 
ATOM 180 C C   . ALA A 1 26 ? 1.144   -0.020  -0.992  1.00 10.00 ? 26 ALA A C   1 
ATOM 181 O O   . ALA A 1 26 ? 1.573   0.818   -1.790  1.00 10.00 ? 26 ALA A O   1 
ATOM 182 C CB  . ALA A 1 26 ? -0.641  -1.586  -1.959  1.00 10.00 ? 26 ALA A CB  1 
ATOM 183 N N   . TRP A 1 27 ? 1.040   0.209   0.331   1.00 10.00 ? 27 TRP A N   1 
ATOM 184 C CA  . TRP A 1 27 ? 1.662   1.373   0.985   1.00 10.00 ? 27 TRP A CA  1 
ATOM 185 C C   . TRP A 1 27 ? 3.185   1.491   0.862   1.00 10.00 ? 27 TRP A C   1 
ATOM 186 O O   . TRP A 1 27 ? 3.625   2.581   0.516   1.00 10.00 ? 27 TRP A O   1 
ATOM 187 C CB  . TRP A 1 27 ? 1.157   1.729   2.384   1.00 10.00 ? 27 TRP A CB  1 
ATOM 188 C CG  . TRP A 1 27 ? -0.045  2.691   2.445   1.00 10.00 ? 27 TRP A CG  1 
ATOM 189 C CD1 . TRP A 1 27 ? -0.121  4.004   1.900   1.00 10.00 ? 27 TRP A CD1 1 
ATOM 190 C CD2 . TRP A 1 27 ? -1.335  2.393   2.868   1.00 10.00 ? 27 TRP A CD2 1 
ATOM 191 N NE1 . TRP A 1 27 ? -1.432  4.518   1.956   1.00 10.00 ? 27 TRP A NE1 1 
ATOM 192 C CE2 . TRP A 1 27 ? -2.166  3.490   2.525   1.00 10.00 ? 27 TRP A CE2 1 
ATOM 193 C CE3 . TRP A 1 27 ? -1.890  1.231   3.448   1.00 10.00 ? 27 TRP A CE3 1 
ATOM 194 C CZ2 . TRP A 1 27 ? -3.565  3.396   2.711   1.00 10.00 ? 27 TRP A CZ2 1 
ATOM 195 C CZ3 . TRP A 1 27 ? -3.266  1.175   3.643   1.00 10.00 ? 27 TRP A CZ3 1 
ATOM 196 C CH2 . TRP A 1 27 ? -4.093  2.236   3.263   1.00 10.00 ? 27 TRP A CH2 1 
ATOM 197 N N   . ALA A 1 28 ? 3.951   0.401   1.067   1.00 10.00 ? 28 ALA A N   1 
ATOM 198 C CA  . ALA A 1 28 ? 5.397   0.371   0.786   1.00 10.00 ? 28 ALA A CA  1 
ATOM 199 C C   . ALA A 1 28 ? 5.908   0.505   -0.657  1.00 10.00 ? 28 ALA A C   1 
ATOM 200 O O   . ALA A 1 28 ? 6.914   1.189   -0.866  1.00 10.00 ? 28 ALA A O   1 
ATOM 201 C CB  . ALA A 1 28 ? 6.064   -0.768  1.548   1.00 10.00 ? 28 ALA A CB  1 
ATOM 202 N N   . LEU A 1 29 ? 5.219   -0.095  -1.642  1.00 10.00 ? 29 LEU A N   1 
ATOM 203 C CA  . LEU A 1 29 ? 5.458   0.174   -3.077  1.00 10.00 ? 29 LEU A CA  1 
ATOM 204 C C   . LEU A 1 29 ? 5.223   1.616   -3.547  1.00 10.00 ? 29 LEU A C   1 
ATOM 205 O O   . LEU A 1 29 ? 6.095   2.162   -4.228  1.00 10.00 ? 29 LEU A O   1 
ATOM 206 C CB  . LEU A 1 29 ? 4.786   -0.916  -3.899  1.00 10.00 ? 29 LEU A CB  1 
ATOM 207 C CG  . LEU A 1 29 ? 5.251   -1.133  -5.334  1.00 10.00 ? 29 LEU A CG  1 
ATOM 208 C CD1 . LEU A 1 29 ? 4.849   -2.544  -5.777  1.00 10.00 ? 29 LEU A CD1 1 
ATOM 209 C CD2 . LEU A 1 29 ? 4.649   -0.132  -6.320  1.00 10.00 ? 29 LEU A CD2 1 
ATOM 210 N N   . VAL A 1 30 ? 4.106   2.243   -3.139  1.00 10.00 ? 30 VAL A N   1 
ATOM 211 C CA  . VAL A 1 30 ? 3.927   3.703   -3.288  1.00 10.00 ? 30 VAL A CA  1 
ATOM 212 C C   . VAL A 1 30 ? 4.815   4.611   -2.396  1.00 10.00 ? 30 VAL A C   1 
ATOM 213 O O   . VAL A 1 30 ? 5.077   5.746   -2.789  1.00 10.00 ? 30 VAL A O   1 
ATOM 214 C CB  . VAL A 1 30 ? 2.487   4.158   -3.536  1.00 10.00 ? 30 VAL A CB  1 
ATOM 215 C CG1 . VAL A 1 30 ? 2.390   5.549   -4.181  1.00 10.00 ? 30 VAL A CG1 1 
ATOM 216 C CG2 . VAL A 1 30 ? 1.660   3.265   -4.475  1.00 10.00 ? 30 VAL A CG2 1 
ATOM 217 N N   . VAL A 1 31 ? 5.358   4.111   -1.271  1.00 10.00 ? 31 VAL A N   1 
ATOM 218 C CA  . VAL A 1 31 ? 6.554   4.679   -0.596  1.00 10.00 ? 31 VAL A CA  1 
ATOM 219 C C   . VAL A 1 31 ? 7.777   4.867   -1.516  1.00 10.00 ? 31 VAL A C   1 
ATOM 220 O O   . VAL A 1 31 ? 8.295   5.980   -1.571  1.00 10.00 ? 31 VAL A O   1 
ATOM 221 C CB  . VAL A 1 31 ? 6.848   3.948   0.719   1.00 10.00 ? 31 VAL A CB  1 
ATOM 222 C CG1 . VAL A 1 31 ? 8.210   4.147   1.385   1.00 10.00 ? 31 VAL A CG1 1 
ATOM 223 C CG2 . VAL A 1 31 ? 5.785   4.116   1.802   1.00 10.00 ? 31 VAL A CG2 1 
ATOM 224 N N   . LEU A 1 32 ? 8.208   3.807   -2.218  1.00 10.00 ? 32 LEU A N   1 
ATOM 225 C CA  . LEU A 1 32 ? 9.336   3.886   -3.162  1.00 10.00 ? 32 LEU A CA  1 
ATOM 226 C C   . LEU A 1 32 ? 9.134   4.645   -4.482  1.00 10.00 ? 32 LEU A C   1 
ATOM 227 O O   . LEU A 1 32 ? 10.073  5.315   -4.918  1.00 10.00 ? 32 LEU A O   1 
ATOM 228 C CB  . LEU A 1 32 ? 10.044  2.543   -3.321  1.00 10.00 ? 32 LEU A CB  1 
ATOM 229 C CG  . LEU A 1 32 ? 10.692  2.012   -2.044  1.00 10.00 ? 32 LEU A CG  1 
ATOM 230 C CD1 . LEU A 1 32 ? 10.906  0.508   -2.108  1.00 10.00 ? 32 LEU A CD1 1 
ATOM 231 C CD2 . LEU A 1 32 ? 11.981  2.735   -1.675  1.00 10.00 ? 32 LEU A CD2 1 
ATOM 232 N N   . VAL A 1 33 ? 7.924   4.608   -5.074  1.00 10.00 ? 33 VAL A N   1 
ATOM 233 C CA  . VAL A 1 33 ? 7.533   5.524   -6.173  1.00 10.00 ? 33 VAL A CA  1 
ATOM 234 C C   . VAL A 1 33 ? 7.455   7.022   -5.785  1.00 10.00 ? 33 VAL A C   1 
ATOM 235 O O   . VAL A 1 33 ? 7.955   7.847   -6.550  1.00 10.00 ? 33 VAL A O   1 
ATOM 236 C CB  . VAL A 1 33 ? 6.347   4.989   -6.986  1.00 10.00 ? 33 VAL A CB  1 
ATOM 237 C CG1 . VAL A 1 33 ? 5.910   5.856   -8.173  1.00 10.00 ? 33 VAL A CG1 1 
ATOM 238 C CG2 . VAL A 1 33 ? 6.548   3.575   -7.555  1.00 10.00 ? 33 VAL A CG2 1 
ATOM 239 N N   . VAL A 1 34 ? 6.886   7.359   -4.614  1.00 10.00 ? 34 VAL A N   1 
ATOM 240 C CA  . VAL A 1 34 ? 6.960   8.723   -4.037  1.00 10.00 ? 34 VAL A CA  1 
ATOM 241 C C   . VAL A 1 34 ? 8.364   9.210   -3.613  1.00 10.00 ? 34 VAL A C   1 
ATOM 242 O O   . VAL A 1 34 ? 8.629   10.402  -3.770  1.00 10.00 ? 34 VAL A O   1 
ATOM 243 C CB  . VAL A 1 34 ? 5.821   9.014   -3.054  1.00 10.00 ? 34 VAL A CB  1 
ATOM 244 C CG1 . VAL A 1 34 ? 5.766   10.440  -2.489  1.00 10.00 ? 34 VAL A CG1 1 
ATOM 245 C CG2 . VAL A 1 34 ? 4.421   8.761   -3.632  1.00 10.00 ? 34 VAL A CG2 1 
ATOM 246 N N   . GLY A 1 35 ? 9.263   8.328   -3.144  1.00 10.00 ? 35 GLY A N   1 
ATOM 247 C CA  . GLY A 1 35 ? 10.708  8.613   -3.077  1.00 10.00 ? 35 GLY A CA  1 
ATOM 248 C C   . GLY A 1 35 ? 11.437  8.952   -4.381  1.00 10.00 ? 35 GLY A C   1 
ATOM 249 O O   . GLY A 1 35 ? 12.222  9.903   -4.388  1.00 10.00 ? 35 GLY A O   1 
ATOM 250 N N   . ALA A 1 36 ? 11.134  8.231   -5.474  1.00 10.00 ? 36 ALA A N   1 
ATOM 251 C CA  . ALA A 1 36 ? 11.467  8.674   -6.836  1.00 10.00 ? 36 ALA A CA  1 
ATOM 252 C C   . ALA A 1 36 ? 10.952  10.035  -7.314  1.00 10.00 ? 36 ALA A C   1 
ATOM 253 O O   . ALA A 1 36 ? 11.746  10.798  -7.864  1.00 10.00 ? 36 ALA A O   1 
ATOM 254 C CB  . ALA A 1 36 ? 11.256  7.553   -7.845  1.00 10.00 ? 36 ALA A CB  1 
ATOM 255 N N   . THR A 1 37 ? 9.674   10.360  -7.066  1.00 10.00 ? 37 THR A N   1 
ATOM 256 C CA  . THR A 1 37 ? 9.118   11.692  -7.365  1.00 10.00 ? 37 THR A CA  1 
ATOM 257 C C   . THR A 1 37 ? 9.622   12.875  -6.513  1.00 10.00 ? 37 THR A C   1 
ATOM 258 O O   . THR A 1 37 ? 9.816   13.951  -7.076  1.00 10.00 ? 37 THR A O   1 
ATOM 259 C CB  . THR A 1 37 ? 7.599   11.702  -7.601  1.00 10.00 ? 37 THR A CB  1 
ATOM 260 O OG1 . THR A 1 37 ? 7.124   10.512  -8.222  1.00 10.00 ? 37 THR A OG1 1 
ATOM 261 C CG2 . THR A 1 37 ? 7.142   12.882  -8.460  1.00 10.00 ? 37 THR A CG2 1 
ATOM 262 N N   . VAL A 1 38 ? 9.861   12.693  -5.205  1.00 10.00 ? 38 VAL A N   1 
ATOM 263 C CA  . VAL A 1 38 ? 10.516  13.716  -4.355  1.00 10.00 ? 38 VAL A CA  1 
ATOM 264 C C   . VAL A 1 38 ? 11.993  13.992  -4.699  1.00 10.00 ? 38 VAL A C   1 
ATOM 265 O O   . VAL A 1 38 ? 12.345  15.166  -4.833  1.00 10.00 ? 38 VAL A O   1 
ATOM 266 C CB  . VAL A 1 38 ? 10.165  13.579  -2.872  1.00 10.00 ? 38 VAL A CB  1 
ATOM 267 C CG1 . VAL A 1 38 ? 10.808  14.606  -1.933  1.00 10.00 ? 38 VAL A CG1 1 
ATOM 268 C CG2 . VAL A 1 38 ? 8.657   13.629  -2.579  1.00 10.00 ? 38 VAL A CG2 1 
ATOM 269 N N   . GLY A 1 39 ? 12.822  12.948  -4.887  1.00 10.00 ? 39 GLY A N   1 
ATOM 270 C CA  . GLY A 1 39 ? 14.184  13.096  -5.431  1.00 10.00 ? 39 GLY A CA  1 
ATOM 271 C C   . GLY A 1 39 ? 14.322  13.758  -6.805  1.00 10.00 ? 39 GLY A C   1 
ATOM 272 O O   . GLY A 1 39 ? 14.936  14.821  -6.888  1.00 10.00 ? 39 GLY A O   1 
ATOM 273 N N   . ILE A 1 40 ? 13.710  13.157  -7.834  1.00 10.00 ? 40 ILE A N   1 
ATOM 274 C CA  . ILE A 1 40 ? 13.604  13.742  -9.195  1.00 10.00 ? 40 ILE A CA  1 
ATOM 275 C C   . ILE A 1 40 ? 13.017  15.164  -9.296  1.00 10.00 ? 40 ILE A C   1 
ATOM 276 O O   . ILE A 1 40 ? 13.600  15.982  -10.012 1.00 10.00 ? 40 ILE A O   1 
ATOM 277 C CB  . ILE A 1 40 ? 13.028  12.726  -10.191 1.00 10.00 ? 40 ILE A CB  1 
ATOM 278 C CG1 . ILE A 1 40 ? 13.887  11.464  -10.352 1.00 10.00 ? 40 ILE A CG1 1 
ATOM 279 C CG2 . ILE A 1 40 ? 12.677  13.264  -11.582 1.00 10.00 ? 40 ILE A CG2 1 
ATOM 280 C CD1 . ILE A 1 40 ? 13.043  10.246  -10.721 1.00 10.00 ? 40 ILE A CD1 1 
ATOM 281 N N   . LYS A 1 41 ? 11.902  15.452  -8.609  1.00 10.00 ? 41 LYS A N   1 
ATOM 282 C CA  . LYS A 1 41 ? 11.343  16.812  -8.551  1.00 10.00 ? 41 LYS A CA  1 
ATOM 283 C C   . LYS A 1 41 ? 12.138  17.902  -7.828  1.00 10.00 ? 41 LYS A C   1 
ATOM 284 O O   . LYS A 1 41 ? 12.100  19.043  -8.287  1.00 10.00 ? 41 LYS A O   1 
ATOM 285 C CB  . LYS A 1 41 ? 9.838   16.914  -8.373  1.00 10.00 ? 41 LYS A CB  1 
ATOM 286 C CG  . LYS A 1 41 ? 8.956   16.080  -9.290  1.00 10.00 ? 41 LYS A CG  1 
ATOM 287 C CD  . LYS A 1 41 ? 9.089   16.388  -10.778 1.00 10.00 ? 41 LYS A CD  1 
ATOM 288 C CE  . LYS A 1 41 ? 8.346   15.322  -11.583 1.00 10.00 ? 41 LYS A CE  1 
ATOM 289 N NZ  . LYS A 1 41 ? 8.491   15.586  -13.021 1.00 10.00 ? 41 LYS A NZ  1 
ATOM 290 N N   . LEU A 1 42 ? 12.913  17.557  -6.782  1.00 10.00 ? 42 LEU A N   1 
ATOM 291 C CA  . LEU A 1 42 ? 14.040  18.391  -6.326  1.00 10.00 ? 42 LEU A CA  1 
ATOM 292 C C   . LEU A 1 42 ? 15.229  18.599  -7.277  1.00 10.00 ? 42 LEU A C   1 
ATOM 293 O O   . LEU A 1 42 ? 15.745  19.717  -7.308  1.00 10.00 ? 42 LEU A O   1 
ATOM 294 C CB  . LEU A 1 42 ? 14.494  18.077  -4.908  1.00 10.00 ? 42 LEU A CB  1 
ATOM 295 C CG  . LEU A 1 42 ? 13.550  18.499  -3.786  1.00 10.00 ? 42 LEU A CG  1 
ATOM 296 C CD1 . LEU A 1 42 ? 14.030  17.858  -2.486  1.00 10.00 ? 42 LEU A CD1 1 
ATOM 297 C CD2 . LEU A 1 42 ? 13.488  20.016  -3.602  1.00 10.00 ? 42 LEU A CD2 1 
ATOM 298 N N   . PHE A 1 43 ? 15.614  17.598  -8.095  1.00 10.00 ? 43 PHE A N   1 
ATOM 299 C CA  . PHE A 1 43 ? 16.459  17.813  -9.290  1.00 10.00 ? 43 PHE A CA  1 
ATOM 300 C C   . PHE A 1 43 ? 15.968  18.876  -10.300 1.00 10.00 ? 43 PHE A C   1 
ATOM 301 O O   . PHE A 1 43 ? 16.742  19.782  -10.619 1.00 10.00 ? 43 PHE A O   1 
ATOM 302 C CB  . PHE A 1 43 ? 16.783  16.509  -10.014 1.00 10.00 ? 43 PHE A CB  1 
ATOM 303 C CG  . PHE A 1 43 ? 17.835  15.598  -9.429  1.00 10.00 ? 43 PHE A CG  1 
ATOM 304 C CD1 . PHE A 1 43 ? 19.182  15.807  -9.723  1.00 10.00 ? 43 PHE A CD1 1 
ATOM 305 C CD2 . PHE A 1 43 ? 17.465  14.511  -8.644  1.00 10.00 ? 43 PHE A CD2 1 
ATOM 306 C CE1 . PHE A 1 43 ? 20.152  14.955  -9.212  1.00 10.00 ? 43 PHE A CE1 1 
ATOM 307 C CE2 . PHE A 1 43 ? 18.431  13.656  -8.134  1.00 10.00 ? 43 PHE A CE2 1 
ATOM 308 C CZ  . PHE A 1 43 ? 19.774  13.880  -8.416  1.00 10.00 ? 43 PHE A CZ  1 
ATOM 309 N N   . LYS A 1 44 ? 14.695  18.810  -10.731 1.00 10.00 ? 44 LYS A N   1 
ATOM 310 C CA  . LYS A 1 44 ? 14.035  19.912  -11.460 1.00 10.00 ? 44 LYS A CA  1 
ATOM 311 C C   . LYS A 1 44 ? 13.900  21.280  -10.761 1.00 10.00 ? 44 LYS A C   1 
ATOM 312 O O   . LYS A 1 44 ? 14.007  22.300  -11.448 1.00 10.00 ? 44 LYS A O   1 
ATOM 313 C CB  . LYS A 1 44 ? 12.699  19.484  -12.064 1.00 10.00 ? 44 LYS A CB  1 
ATOM 314 C CG  . LYS A 1 44 ? 12.744  18.508  -13.231 1.00 10.00 ? 44 LYS A CG  1 
ATOM 315 C CD  . LYS A 1 44 ? 13.301  19.130  -14.510 1.00 10.00 ? 44 LYS A CD  1 
ATOM 316 C CE  . LYS A 1 44 ? 13.308  18.175  -15.702 1.00 10.00 ? 44 LYS A CE  1 
ATOM 317 N NZ  . LYS A 1 44 ? 11.966  17.995  -16.283 1.00 10.00 ? 44 LYS A NZ  1 
ATOM 318 N N   . LYS A 1 45 ? 13.737  21.307  -9.424  1.00 10.00 ? 45 LYS A N   1 
ATOM 319 C CA  . LYS A 1 45 ? 13.885  22.528  -8.614  1.00 10.00 ? 45 LYS A CA  1 
ATOM 320 C C   . LYS A 1 45 ? 15.252  23.231  -8.693  1.00 10.00 ? 45 LYS A C   1 
ATOM 321 O O   . LYS A 1 45 ? 15.257  24.428  -8.963  1.00 10.00 ? 45 LYS A O   1 
ATOM 322 C CB  . LYS A 1 45 ? 13.423  22.406  -7.167  1.00 10.00 ? 45 LYS A CB  1 
ATOM 323 C CG  . LYS A 1 45 ? 12.048  21.850  -6.859  1.00 10.00 ? 45 LYS A CG  1 
ATOM 324 C CD  . LYS A 1 45 ? 10.877  22.605  -7.471  1.00 10.00 ? 45 LYS A CD  1 
ATOM 325 C CE  . LYS A 1 45 ? 9.573   21.891  -7.131  1.00 10.00 ? 45 LYS A CE  1 
ATOM 326 N NZ  . LYS A 1 45 ? 8.442   22.592  -7.753  1.00 10.00 ? 45 LYS A NZ  1 
ATOM 327 N N   . PHE A 1 46 ? 16.368  22.492  -8.555  1.00 10.00 ? 46 PHE A N   1 
ATOM 328 C CA  . PHE A 1 46 ? 17.720  22.969  -8.918  1.00 10.00 ? 46 PHE A CA  1 
ATOM 329 C C   . PHE A 1 46 ? 17.946  23.451  -10.374 1.00 10.00 ? 46 PHE A C   1 
ATOM 330 O O   . PHE A 1 46 ? 18.678  24.427  -10.560 1.00 10.00 ? 46 PHE A O   1 
ATOM 331 C CB  . PHE A 1 46 ? 18.756  21.869  -8.686  1.00 10.00 ? 46 PHE A CB  1 
ATOM 332 C CG  . PHE A 1 46 ? 19.220  21.528  -7.304  1.00 10.00 ? 46 PHE A CG  1 
ATOM 333 C CD1 . PHE A 1 46 ? 18.370  20.957  -6.355  1.00 10.00 ? 46 PHE A CD1 1 
ATOM 334 C CD2 . PHE A 1 46 ? 20.577  21.637  -7.032  1.00 10.00 ? 46 PHE A CD2 1 
ATOM 335 C CE1 . PHE A 1 46 ? 18.878  20.498  -5.147  1.00 10.00 ? 46 PHE A CE1 1 
ATOM 336 C CE2 . PHE A 1 46 ? 21.089  21.173  -5.828  1.00 10.00 ? 46 PHE A CE2 1 
ATOM 337 C CZ  . PHE A 1 46 ? 20.239  20.593  -4.894  1.00 10.00 ? 46 PHE A CZ  1 
ATOM 338 N N   . VAL A 1 47 ? 17.307  22.803  -11.369 1.00 10.00 ? 47 VAL A N   1 
ATOM 339 C CA  . VAL A 1 47 ? 17.211  23.308  -12.761 1.00 10.00 ? 47 VAL A CA  1 
ATOM 340 C C   . VAL A 1 47 ? 16.681  24.747  -12.877 1.00 10.00 ? 47 VAL A C   1 
ATOM 341 O O   . VAL A 1 47 ? 17.426  25.606  -13.353 1.00 10.00 ? 47 VAL A O   1 
ATOM 342 C CB  . VAL A 1 47 ? 16.585  22.233  -13.651 1.00 10.00 ? 47 VAL A CB  1 
ATOM 343 C CG1 . VAL A 1 47 ? 16.009  22.636  -15.003 1.00 10.00 ? 47 VAL A CG1 1 
ATOM 344 C CG2 . VAL A 1 47 ? 17.480  21.007  -13.856 1.00 10.00 ? 47 VAL A CG2 1 
ATOM 345 N N   . SER A 1 48 ? 15.463  25.012  -12.373 1.00 10.00 ? 48 SER A N   1 
ATOM 346 C CA  . SER A 1 48 ? 14.939  26.384  -12.241 1.00 10.00 ? 48 SER A CA  1 
ATOM 347 C C   . SER A 1 48 ? 15.654  27.381  -11.307 1.00 10.00 ? 48 SER A C   1 
ATOM 348 O O   . SER A 1 48 ? 15.651  28.575  -11.617 1.00 10.00 ? 48 SER A O   1 
ATOM 349 C CB  . SER A 1 48 ? 13.428  26.377  -11.999 1.00 10.00 ? 48 SER A CB  1 
ATOM 350 O OG  . SER A 1 48 ? 12.729  25.821  -13.107 1.00 10.00 ? 48 SER A OG  1 
ATOM 351 N N   . ARG A 1 49 ? 16.279  26.913  -10.213 1.00 10.00 ? 49 ARG A N   1 
ATOM 352 C CA  . ARG A 1 49 ? 17.084  27.761  -9.313  1.00 10.00 ? 49 ARG A CA  1 
ATOM 353 C C   . ARG A 1 49 ? 18.378  28.346  -9.904  1.00 10.00 ? 49 ARG A C   1 
ATOM 354 O O   . ARG A 1 49 ? 18.565  29.562  -9.820  1.00 10.00 ? 49 ARG A O   1 
ATOM 355 C CB  . ARG A 1 49 ? 17.335  27.172  -7.927  1.00 10.00 ? 49 ARG A CB  1 
ATOM 356 C CG  . ARG A 1 49 ? 16.169  26.626  -7.129  1.00 10.00 ? 49 ARG A CG  1 
ATOM 357 C CD  . ARG A 1 49 ? 15.033  27.599  -6.847  1.00 10.00 ? 49 ARG A CD  1 
ATOM 358 N NE  . ARG A 1 49 ? 13.833  26.827  -6.475  1.00 10.00 ? 49 ARG A NE  1 
ATOM 359 C CZ  . ARG A 1 49 ? 12.791  26.634  -7.301  1.00 10.00 ? 49 ARG A CZ  1 
ATOM 360 N NH1 . ARG A 1 49 ? 12.708  27.136  -8.531  1.00 10.00 ? 49 ARG A NH1 1 
ATOM 361 N NH2 . ARG A 1 49 ? 11.786  25.895  -6.867  1.00 10.00 ? 49 ARG A NH2 1 
ATOM 362 N N   . ALA A 1 50 ? 19.212  27.511  -10.547 1.00 10.00 ? 50 ALA A N   1 
ATOM 363 C CA  . ALA A 1 50 ? 20.266  27.993  -11.453 1.00 10.00 ? 50 ALA A CA  1 
ATOM 364 C C   . ALA A 1 50 ? 19.879  28.702  -12.765 1.00 10.00 ? 50 ALA A C   1 
ATOM 365 O O   . ALA A 1 50 ? 20.716  29.438  -13.293 1.00 10.00 ? 50 ALA A O   1 
ATOM 366 C CB  . ALA A 1 50 ? 21.296  26.889  -11.674 1.00 10.00 ? 50 ALA A CB  1 
ATOM 367 N N   . SER A 1 51 ? 18.640  28.535  -13.267 1.00 10.00 ? 51 SER A N   1 
ATOM 368 C CA  . SER A 1 51 ? 18.144  29.292  -14.429 1.00 10.00 ? 51 SER A CA  1 
ATOM 369 C C   . SER A 1 51 ? 17.803  30.750  -14.085 1.00 10.00 ? 51 SER A C   1 
ATOM 370 O O   . SER A 1 51 ? 18.435  31.651  -14.677 1.00 10.00 ? 51 SER A O   1 
ATOM 371 C CB  . SER A 1 51 ? 16.909  28.616  -15.044 1.00 10.00 ? 51 SER A CB  1 
ATOM 372 O OG  . SER A 1 51 ? 17.218  27.340  -15.587 1.00 10.00 ? 51 SER A OG  1 
ATOM 373 O OXT . SER A 1 51 ? 16.928  31.007  -13.226 1.00 10.00 ? 51 SER A OXT 1 
# 
